data_4MS5
# 
_entry.id   4MS5 
# 
_audit_conform.dict_name       mmcif_pdbx.dic 
_audit_conform.dict_version    5.379 
_audit_conform.dict_location   http://mmcif.pdb.org/dictionaries/ascii/mmcif_pdbx.dic 
# 
loop_
_database_2.database_id 
_database_2.database_code 
_database_2.pdbx_database_accession 
_database_2.pdbx_DOI 
PDB   4MS5         pdb_00004ms5 10.2210/pdb4ms5/pdb 
NDB   NA2735       ?            ?                   
RCSB  RCSB082298   ?            ?                   
WWPDB D_1000082298 ?            ?                   
# 
_pdbx_database_status.status_code                     REL 
_pdbx_database_status.entry_id                        4MS5 
_pdbx_database_status.recvd_initial_deposition_date   2013-09-18 
_pdbx_database_status.deposit_site                    RCSB 
_pdbx_database_status.process_site                    RCSB 
_pdbx_database_status.status_code_sf                  REL 
_pdbx_database_status.status_code_mr                  ? 
_pdbx_database_status.SG_entry                        ? 
_pdbx_database_status.status_code_cs                  ? 
_pdbx_database_status.methods_development_category    ? 
_pdbx_database_status.pdb_format_compatible           Y 
_pdbx_database_status.status_code_nmr_data            ? 
# 
loop_
_audit_author.name 
_audit_author.pdbx_ordinal 
'Hall, J.P.'   1 
'Cardin, C.J.' 2 
# 
_citation.id                        primary 
_citation.title                     'The effects of disubstitution on the binding of ruthenium complexes to DNA' 
_citation.journal_abbrev            'Thesis, University of Reading' 
_citation.journal_volume            ? 
_citation.page_first                ? 
_citation.page_last                 ? 
_citation.year                      2014 
_citation.journal_id_ASTM           ? 
_citation.country                   ? 
_citation.journal_id_ISSN           ? 
_citation.journal_id_CSD            ? 
_citation.book_publisher            ? 
_citation.pdbx_database_id_PubMed   ? 
_citation.pdbx_database_id_DOI      ? 
# 
_citation_author.citation_id        primary 
_citation_author.name               'Hall, J.P.' 
_citation_author.ordinal            1 
_citation_author.identifier_ORCID   ? 
# 
_cell.entry_id           4MS5 
_cell.length_a           47.610 
_cell.length_b           47.610 
_cell.length_c           34.600 
_cell.angle_alpha        90.00 
_cell.angle_beta         90.00 
_cell.angle_gamma        90.00 
_cell.Z_PDB              8 
_cell.pdbx_unique_axis   ? 
_cell.length_a_esd       ? 
_cell.length_b_esd       ? 
_cell.length_c_esd       ? 
_cell.angle_alpha_esd    ? 
_cell.angle_beta_esd     ? 
_cell.angle_gamma_esd    ? 
# 
_symmetry.entry_id                         4MS5 
_symmetry.space_group_name_H-M             'P 43 21 2' 
_symmetry.pdbx_full_space_group_name_H-M   ? 
_symmetry.cell_setting                     ? 
_symmetry.Int_Tables_number                96 
_symmetry.space_group_name_Hall            ? 
# 
loop_
_entity.id 
_entity.type 
_entity.src_method 
_entity.pdbx_description 
_entity.formula_weight 
_entity.pdbx_number_of_molecules 
_entity.pdbx_ec 
_entity.pdbx_mutation 
_entity.pdbx_fragment 
_entity.details 
1 polymer     syn DNA 3045.992 1  ? ? ? ? 
2 non-polymer syn 'BARIUM ION' 137.327  1  ? ? ? ? 
3 non-polymer syn 
"(11,12-difluorodipyrido[3,2-a:2',3'-c]phenazine-kappa~2~N~4~,N~5~)[bis(pyrazino[2,3-f]quinoxaline-kappa~2~N~1~,N~10~)]ruthenium(2+)" 
783.713  1  ? ? ? ? 
4 water       nat water 18.015   15 ? ? ? ? 
# 
_entity_poly.entity_id                      1 
_entity_poly.type                           polydeoxyribonucleotide 
_entity_poly.nstd_linkage                   no 
_entity_poly.nstd_monomer                   no 
_entity_poly.pdbx_seq_one_letter_code       '(DC)(DC)(DG)(DG)(DA)(DT)(DC)(DC)(DG)(DG)' 
_entity_poly.pdbx_seq_one_letter_code_can   CCGGATCCGG 
_entity_poly.pdbx_strand_id                 A 
_entity_poly.pdbx_target_identifier         ? 
# 
loop_
_entity_poly_seq.entity_id 
_entity_poly_seq.num 
_entity_poly_seq.mon_id 
_entity_poly_seq.hetero 
1 1  DC n 
1 2  DC n 
1 3  DG n 
1 4  DG n 
1 5  DA n 
1 6  DT n 
1 7  DC n 
1 8  DC n 
1 9  DG n 
1 10 DG n 
# 
_pdbx_entity_src_syn.entity_id              1 
_pdbx_entity_src_syn.pdbx_src_id            1 
_pdbx_entity_src_syn.pdbx_alt_source_flag   sample 
_pdbx_entity_src_syn.pdbx_beg_seq_num       ? 
_pdbx_entity_src_syn.pdbx_end_seq_num       ? 
_pdbx_entity_src_syn.organism_scientific    ? 
_pdbx_entity_src_syn.organism_common_name   ? 
_pdbx_entity_src_syn.ncbi_taxonomy_id       ? 
_pdbx_entity_src_syn.details                'DNA synthesised by ATDBio' 
# 
_struct_ref.id                         1 
_struct_ref.db_name                    PDB 
_struct_ref.db_code                    4MS5 
_struct_ref.pdbx_db_accession          4MS5 
_struct_ref.entity_id                  1 
_struct_ref.pdbx_align_begin           ? 
_struct_ref.pdbx_seq_one_letter_code   CCGGATCCGG 
_struct_ref.pdbx_db_isoform            ? 
# 
_struct_ref_seq.align_id                      1 
_struct_ref_seq.ref_id                        1 
_struct_ref_seq.pdbx_PDB_id_code              4MS5 
_struct_ref_seq.pdbx_strand_id                A 
_struct_ref_seq.seq_align_beg                 1 
_struct_ref_seq.pdbx_seq_align_beg_ins_code   ? 
_struct_ref_seq.seq_align_end                 10 
_struct_ref_seq.pdbx_seq_align_end_ins_code   ? 
_struct_ref_seq.pdbx_db_accession             4MS5 
_struct_ref_seq.db_align_beg                  1 
_struct_ref_seq.pdbx_db_align_beg_ins_code    ? 
_struct_ref_seq.db_align_end                  10 
_struct_ref_seq.pdbx_db_align_end_ins_code    ? 
_struct_ref_seq.pdbx_auth_seq_align_beg       1 
_struct_ref_seq.pdbx_auth_seq_align_end       10 
# 
loop_
_chem_comp.id 
_chem_comp.type 
_chem_comp.mon_nstd_flag 
_chem_comp.name 
_chem_comp.pdbx_synonyms 
_chem_comp.formula 
_chem_comp.formula_weight 
BA  non-polymer   . 'BARIUM ION' ? 'Ba 2'                137.327 
DA  'DNA linking' y "2'-DEOXYADENOSINE-5'-MONOPHOSPHATE" ? 'C10 H14 N5 O6 P'     331.222 
DC  'DNA linking' y "2'-DEOXYCYTIDINE-5'-MONOPHOSPHATE" ? 'C9 H14 N3 O7 P'      307.197 
DG  'DNA linking' y "2'-DEOXYGUANOSINE-5'-MONOPHOSPHATE" ? 'C10 H14 N5 O7 P'     347.221 
DT  'DNA linking' y "THYMIDINE-5'-MONOPHOSPHATE" ? 'C10 H15 N2 O8 P'     322.208 
HOH non-polymer   . WATER ? 'H2 O'                18.015  
RKF non-polymer   . 
"(11,12-difluorodipyrido[3,2-a:2',3'-c]phenazine-kappa~2~N~4~,N~5~)[bis(pyrazino[2,3-f]quinoxaline-kappa~2~N~1~,N~10~)]ruthenium(2+)" 
? 'C38 H20 F2 N12 Ru 2' 783.713 
# 
_exptl.entry_id          4MS5 
_exptl.method            'X-RAY DIFFRACTION' 
_exptl.crystals_number   1 
# 
_exptl_crystal.id                    1 
_exptl_crystal.density_meas          ? 
_exptl_crystal.density_Matthews      3.22 
_exptl_crystal.density_percent_sol   61.78 
_exptl_crystal.description           ? 
_exptl_crystal.F_000                 ? 
_exptl_crystal.preparation           ? 
# 
_exptl_crystal_grow.crystal_id      1 
_exptl_crystal_grow.method          'VAPOR DIFFUSION, SITTING DROP' 
_exptl_crystal_grow.temp            277 
_exptl_crystal_grow.temp_details    ? 
_exptl_crystal_grow.pH              6.3 
_exptl_crystal_grow.pdbx_details    
;1ul 1mM (CCGGATCCGG)2, 1ul 2mM Ru(TAP)2(dppz-11,12-(F)2]Cl2, 6ul of 40mM Na-cacodylate, 12mM spermine, 20mM BaCl2, 80mM KCl, 10% 2-methyl-2,4-pentanediol. Equilibriated against 1ml 35% 2-methyl-2,4-pentanediol, pH 6.3, VAPOR DIFFUSION, SITTING DROP, temperature 277K
;
_exptl_crystal_grow.pdbx_pH_range   ? 
# 
_diffrn.id                     1 
_diffrn.ambient_temp           100 
_diffrn.ambient_temp_details   ? 
_diffrn.crystal_id             1 
# 
_diffrn_detector.diffrn_id              1 
_diffrn_detector.detector               PIXEL 
_diffrn_detector.type                   'DECTRIS PILATUS 6M' 
_diffrn_detector.pdbx_collection_date   2012-12-13 
_diffrn_detector.details                ? 
# 
_diffrn_radiation.diffrn_id                        1 
_diffrn_radiation.wavelength_id                    1 
_diffrn_radiation.pdbx_monochromatic_or_laue_m_l   M 
_diffrn_radiation.monochromator                    'dual Si(111)' 
_diffrn_radiation.pdbx_diffrn_protocol             'SINGLE WAVELENGTH' 
_diffrn_radiation.pdbx_scattering_type             x-ray 
# 
_diffrn_radiation_wavelength.id           1 
_diffrn_radiation_wavelength.wavelength   0.8266 
_diffrn_radiation_wavelength.wt           1.0 
# 
_diffrn_source.diffrn_id                   1 
_diffrn_source.source                      SYNCHROTRON 
_diffrn_source.type                        'DIAMOND BEAMLINE I02' 
_diffrn_source.pdbx_synchrotron_site       Diamond 
_diffrn_source.pdbx_synchrotron_beamline   I02 
_diffrn_source.pdbx_wavelength             ? 
_diffrn_source.pdbx_wavelength_list        0.8266 
# 
_reflns.entry_id                     4MS5 
_reflns.observed_criterion_sigma_I   2 
_reflns.observed_criterion_sigma_F   ? 
_reflns.d_resolution_low             34.60 
_reflns.d_resolution_high            2.23 
_reflns.number_obs                   2136 
_reflns.number_all                   2136 
_reflns.percent_possible_obs         99 
_reflns.pdbx_Rmerge_I_obs            ? 
_reflns.pdbx_Rsym_value              ? 
_reflns.pdbx_netI_over_sigmaI        ? 
_reflns.B_iso_Wilson_estimate        ? 
_reflns.pdbx_redundancy              ? 
_reflns.R_free_details               ? 
_reflns.limit_h_max                  ? 
_reflns.limit_h_min                  ? 
_reflns.limit_k_max                  ? 
_reflns.limit_k_min                  ? 
_reflns.limit_l_max                  ? 
_reflns.limit_l_min                  ? 
_reflns.observed_criterion_F_max     ? 
_reflns.observed_criterion_F_min     ? 
_reflns.pdbx_chi_squared             ? 
_reflns.pdbx_scaling_rejects         ? 
_reflns.pdbx_ordinal                 1 
_reflns.pdbx_diffrn_id               1 
# 
_reflns_shell.d_res_high             2.23 
_reflns_shell.d_res_low              2.29 
_reflns_shell.percent_possible_all   99.7 
_reflns_shell.Rmerge_I_obs           ? 
_reflns_shell.pdbx_Rsym_value        ? 
_reflns_shell.meanI_over_sigI_obs    ? 
_reflns_shell.pdbx_redundancy        ? 
_reflns_shell.percent_possible_obs   ? 
_reflns_shell.number_unique_all      ? 
_reflns_shell.number_measured_all    ? 
_reflns_shell.number_measured_obs    ? 
_reflns_shell.number_unique_obs      ? 
_reflns_shell.pdbx_chi_squared       ? 
_reflns_shell.pdbx_ordinal           1 
_reflns_shell.pdbx_diffrn_id         1 
# 
_refine.entry_id                                 4MS5 
_refine.ls_number_reflns_obs                     2016 
_refine.ls_number_reflns_all                     2016 
_refine.pdbx_ls_sigma_I                          ? 
_refine.pdbx_ls_sigma_F                          . 
_refine.pdbx_data_cutoff_high_absF               ? 
_refine.pdbx_data_cutoff_low_absF                ? 
_refine.pdbx_data_cutoff_high_rms_absF           ? 
_refine.ls_d_res_low                             28.01 
_refine.ls_d_res_high                            2.23 
_refine.ls_percent_reflns_obs                    98.05 
_refine.ls_R_factor_obs                          0.22011 
_refine.ls_R_factor_all                          0.22011 
_refine.ls_R_factor_R_work                       0.21882 
_refine.ls_R_factor_R_free                       0.24525 
_refine.ls_R_factor_R_free_error                 ? 
_refine.ls_R_factor_R_free_error_details         ? 
_refine.ls_percent_reflns_R_free                 4.5 
_refine.ls_number_reflns_R_free                  95 
_refine.ls_number_parameters                     ? 
_refine.ls_number_restraints                     ? 
_refine.occupancy_min                            ? 
_refine.occupancy_max                            ? 
_refine.correlation_coeff_Fo_to_Fc               0.950 
_refine.correlation_coeff_Fo_to_Fc_free          0.941 
_refine.B_iso_mean                               36.835 
_refine.aniso_B[1][1]                            0.13 
_refine.aniso_B[2][2]                            0.13 
_refine.aniso_B[3][3]                            -0.26 
_refine.aniso_B[1][2]                            0.00 
_refine.aniso_B[1][3]                            0.00 
_refine.aniso_B[2][3]                            0.00 
_refine.solvent_model_details                    MASK 
_refine.solvent_model_param_ksol                 ? 
_refine.solvent_model_param_bsol                 ? 
_refine.pdbx_solvent_vdw_probe_radii             1.20 
_refine.pdbx_solvent_ion_probe_radii             0.80 
_refine.pdbx_solvent_shrinkage_radii             0.80 
_refine.pdbx_ls_cross_valid_method               THROUGHOUT 
_refine.details                                  'HYDROGENS HAVE BEEN ADDED IN THE RIDING POSITIONS' 
_refine.pdbx_starting_model                      'PDB ENTRY 3QRN' 
_refine.pdbx_method_to_determine_struct          'MOLECULAR REPLACEMENT' 
_refine.pdbx_isotropic_thermal_model             ? 
_refine.pdbx_stereochemistry_target_values       'MAXIMUM LIKELIHOOD' 
_refine.pdbx_stereochem_target_val_spec_case     ? 
_refine.pdbx_R_Free_selection_details            RANDOM 
_refine.pdbx_overall_ESU_R                       0.269 
_refine.pdbx_overall_ESU_R_Free                  0.205 
_refine.overall_SU_ML                            0.184 
_refine.pdbx_overall_phase_error                 ? 
_refine.overall_SU_B                             8.526 
_refine.overall_SU_R_Cruickshank_DPI             ? 
_refine.ls_redundancy_reflns_obs                 ? 
_refine.B_iso_min                                ? 
_refine.B_iso_max                                ? 
_refine.overall_SU_R_free                        ? 
_refine.ls_wR_factor_R_free                      ? 
_refine.ls_wR_factor_R_work                      ? 
_refine.overall_FOM_free_R_set                   ? 
_refine.overall_FOM_work_R_set                   ? 
_refine.pdbx_diffrn_id                           1 
_refine.pdbx_refine_id                           'X-RAY DIFFRACTION' 
_refine.pdbx_TLS_residual_ADP_flag               ? 
_refine.pdbx_overall_SU_R_free_Cruickshank_DPI   ? 
_refine.pdbx_overall_SU_R_Blow_DPI               ? 
_refine.pdbx_overall_SU_R_free_Blow_DPI          ? 
# 
_refine_hist.pdbx_refine_id                   'X-RAY DIFFRACTION' 
_refine_hist.cycle_id                         LAST 
_refine_hist.pdbx_number_atoms_protein        0 
_refine_hist.pdbx_number_atoms_nucleic_acid   202 
_refine_hist.pdbx_number_atoms_ligand         54 
_refine_hist.number_atoms_solvent             15 
_refine_hist.number_atoms_total               271 
_refine_hist.d_res_high                       2.23 
_refine_hist.d_res_low                        28.01 
# 
loop_
_refine_ls_restr.type 
_refine_ls_restr.dev_ideal 
_refine_ls_restr.dev_ideal_target 
_refine_ls_restr.weight 
_refine_ls_restr.number 
_refine_ls_restr.pdbx_restraint_function 
_refine_ls_restr.pdbx_refine_id 
r_bond_refined_d             0.010 0.013  ? 292 ? 'X-RAY DIFFRACTION' 
r_bond_other_d               0.092 0.020  ? 132 ? 'X-RAY DIFFRACTION' 
r_angle_refined_deg          2.433 1.610  ? 460 ? 'X-RAY DIFFRACTION' 
r_angle_other_deg            1.863 3.000  ? 304 ? 'X-RAY DIFFRACTION' 
r_dihedral_angle_1_deg       ?     ?      ? ?   ? 'X-RAY DIFFRACTION' 
r_dihedral_angle_2_deg       ?     ?      ? ?   ? 'X-RAY DIFFRACTION' 
r_dihedral_angle_3_deg       ?     ?      ? ?   ? 'X-RAY DIFFRACTION' 
r_dihedral_angle_4_deg       ?     ?      ? ?   ? 'X-RAY DIFFRACTION' 
r_chiral_restr               0.107 0.200  ? 30  ? 'X-RAY DIFFRACTION' 
r_gen_planes_refined         0.019 0.020  ? 176 ? 'X-RAY DIFFRACTION' 
r_gen_planes_other           0.009 0.020  ? 74  ? 'X-RAY DIFFRACTION' 
r_nbd_refined                ?     ?      ? ?   ? 'X-RAY DIFFRACTION' 
r_nbd_other                  ?     ?      ? ?   ? 'X-RAY DIFFRACTION' 
r_nbtor_refined              ?     ?      ? ?   ? 'X-RAY DIFFRACTION' 
r_nbtor_other                ?     ?      ? ?   ? 'X-RAY DIFFRACTION' 
r_xyhbond_nbd_refined        ?     ?      ? ?   ? 'X-RAY DIFFRACTION' 
r_xyhbond_nbd_other          ?     ?      ? ?   ? 'X-RAY DIFFRACTION' 
r_metal_ion_refined          ?     ?      ? ?   ? 'X-RAY DIFFRACTION' 
r_metal_ion_other            ?     ?      ? ?   ? 'X-RAY DIFFRACTION' 
r_symmetry_vdw_refined       ?     ?      ? ?   ? 'X-RAY DIFFRACTION' 
r_symmetry_vdw_other         ?     ?      ? ?   ? 'X-RAY DIFFRACTION' 
r_symmetry_hbond_refined     ?     ?      ? ?   ? 'X-RAY DIFFRACTION' 
r_symmetry_hbond_other       ?     ?      ? ?   ? 'X-RAY DIFFRACTION' 
r_symmetry_metal_ion_refined ?     ?      ? ?   ? 'X-RAY DIFFRACTION' 
r_symmetry_metal_ion_other   ?     ?      ? ?   ? 'X-RAY DIFFRACTION' 
r_mcbond_it                  ?     ?      ? ?   ? 'X-RAY DIFFRACTION' 
r_mcbond_other               ?     ?      ? ?   ? 'X-RAY DIFFRACTION' 
r_mcangle_it                 ?     ?      ? ?   ? 'X-RAY DIFFRACTION' 
r_mcangle_other              ?     ?      ? ?   ? 'X-RAY DIFFRACTION' 
r_scbond_it                  3.279 3.726  ? 292 ? 'X-RAY DIFFRACTION' 
r_scbond_other               3.273 3.723  ? 293 ? 'X-RAY DIFFRACTION' 
r_scangle_it                 ?     ?      ? ?   ? 'X-RAY DIFFRACTION' 
r_scangle_other              4.728 5.557  ? 461 ? 'X-RAY DIFFRACTION' 
r_long_range_B_refined       6.030 39.900 ? 693 ? 'X-RAY DIFFRACTION' 
r_long_range_B_other         6.031 39.902 ? 692 ? 'X-RAY DIFFRACTION' 
r_rigid_bond_restr           ?     ?      ? ?   ? 'X-RAY DIFFRACTION' 
r_sphericity_free            ?     ?      ? ?   ? 'X-RAY DIFFRACTION' 
r_sphericity_bonded          ?     ?      ? ?   ? 'X-RAY DIFFRACTION' 
# 
_refine_ls_shell.pdbx_total_number_of_bins_used   20 
_refine_ls_shell.d_res_high                       2.231 
_refine_ls_shell.d_res_low                        2.289 
_refine_ls_shell.number_reflns_R_work             146 
_refine_ls_shell.R_factor_R_work                  0.356 
_refine_ls_shell.percent_reflns_obs               99.36 
_refine_ls_shell.R_factor_R_free                  0.388 
_refine_ls_shell.R_factor_R_free_error            ? 
_refine_ls_shell.percent_reflns_R_free            ? 
_refine_ls_shell.number_reflns_R_free             10 
_refine_ls_shell.number_reflns_all                ? 
_refine_ls_shell.R_factor_all                     ? 
_refine_ls_shell.number_reflns_obs                ? 
_refine_ls_shell.redundancy_reflns_obs            ? 
_refine_ls_shell.pdbx_refine_id                   'X-RAY DIFFRACTION' 
# 
_struct.entry_id                  4MS5 
_struct.title                     'Lambda-[Ru(TAP)2(dppz-11,12-(F)2)]2+ bound to CCGGATCCGG' 
_struct.pdbx_model_details        ? 
_struct.pdbx_CASP_flag            ? 
_struct.pdbx_model_type_details   ? 
# 
_struct_keywords.entry_id        4MS5 
_struct_keywords.pdbx_keywords   DNA 
_struct_keywords.text            'Intercalation, semi-intercalation, DNA, ruthenium' 
# 
loop_
_struct_asym.id 
_struct_asym.pdbx_blank_PDB_chainid_flag 
_struct_asym.pdbx_modified 
_struct_asym.entity_id 
_struct_asym.details 
A N N 1 ? 
B N N 2 ? 
C N N 3 ? 
D N N 4 ? 
# 
_struct_biol.id        1 
_struct_biol.details   ? 
# 
loop_
_struct_conn.id 
_struct_conn.conn_type_id 
_struct_conn.pdbx_leaving_atom_flag 
_struct_conn.pdbx_PDB_id 
_struct_conn.ptnr1_label_asym_id 
_struct_conn.ptnr1_label_comp_id 
_struct_conn.ptnr1_label_seq_id 
_struct_conn.ptnr1_label_atom_id 
_struct_conn.pdbx_ptnr1_label_alt_id 
_struct_conn.pdbx_ptnr1_PDB_ins_code 
_struct_conn.pdbx_ptnr1_standard_comp_id 
_struct_conn.ptnr1_symmetry 
_struct_conn.ptnr2_label_asym_id 
_struct_conn.ptnr2_label_comp_id 
_struct_conn.ptnr2_label_seq_id 
_struct_conn.ptnr2_label_atom_id 
_struct_conn.pdbx_ptnr2_label_alt_id 
_struct_conn.pdbx_ptnr2_PDB_ins_code 
_struct_conn.ptnr1_auth_asym_id 
_struct_conn.ptnr1_auth_comp_id 
_struct_conn.ptnr1_auth_seq_id 
_struct_conn.ptnr2_auth_asym_id 
_struct_conn.ptnr2_auth_comp_id 
_struct_conn.ptnr2_auth_seq_id 
_struct_conn.ptnr2_symmetry 
_struct_conn.pdbx_ptnr3_label_atom_id 
_struct_conn.pdbx_ptnr3_label_seq_id 
_struct_conn.pdbx_ptnr3_label_comp_id 
_struct_conn.pdbx_ptnr3_label_asym_id 
_struct_conn.pdbx_ptnr3_label_alt_id 
_struct_conn.pdbx_ptnr3_PDB_ins_code 
_struct_conn.details 
_struct_conn.pdbx_dist_value 
_struct_conn.pdbx_value_order 
_struct_conn.pdbx_role 
metalc1  metalc ? ? A DG 4  O6 ? ? ? 1_555 B BA .  BA ? ? A DG 4  A BA 101 1_555 ? ? ? ? ? ? ?            3.057 ? ? 
hydrog1  hydrog ? ? A DC 1  N4 ? ? ? 1_555 A DG 10 O6 ? ? A DC 1  A DG 10  8_555 ? ? ? ? ? ? 'DC-DG PAIR' ?     ? ? 
hydrog2  hydrog ? ? A DC 2  N3 ? ? ? 1_555 A DG 9  N1 ? ? A DC 2  A DG 9   8_555 ? ? ? ? ? ? WATSON-CRICK ?     ? ? 
hydrog3  hydrog ? ? A DC 2  N4 ? ? ? 1_555 A DG 9  O6 ? ? A DC 2  A DG 9   8_555 ? ? ? ? ? ? WATSON-CRICK ?     ? ? 
hydrog4  hydrog ? ? A DC 2  O2 ? ? ? 1_555 A DG 9  N2 ? ? A DC 2  A DG 9   8_555 ? ? ? ? ? ? WATSON-CRICK ?     ? ? 
hydrog5  hydrog ? ? A DG 3  N1 ? ? ? 1_555 A DC 8  N3 ? ? A DG 3  A DC 8   8_555 ? ? ? ? ? ? WATSON-CRICK ?     ? ? 
hydrog6  hydrog ? ? A DG 3  N2 ? ? ? 1_555 A DC 8  O2 ? ? A DG 3  A DC 8   8_555 ? ? ? ? ? ? WATSON-CRICK ?     ? ? 
hydrog7  hydrog ? ? A DG 3  O6 ? ? ? 1_555 A DC 8  N4 ? ? A DG 3  A DC 8   8_555 ? ? ? ? ? ? WATSON-CRICK ?     ? ? 
hydrog8  hydrog ? ? A DG 4  N1 ? ? ? 1_555 A DC 7  N3 ? ? A DG 4  A DC 7   8_555 ? ? ? ? ? ? WATSON-CRICK ?     ? ? 
hydrog9  hydrog ? ? A DG 4  N2 ? ? ? 1_555 A DC 7  O2 ? ? A DG 4  A DC 7   8_555 ? ? ? ? ? ? WATSON-CRICK ?     ? ? 
hydrog10 hydrog ? ? A DG 4  O6 ? ? ? 1_555 A DC 7  N4 ? ? A DG 4  A DC 7   8_555 ? ? ? ? ? ? WATSON-CRICK ?     ? ? 
hydrog11 hydrog ? ? A DA 5  N1 ? ? ? 1_555 A DT 6  N3 ? ? A DA 5  A DT 6   8_555 ? ? ? ? ? ? WATSON-CRICK ?     ? ? 
hydrog12 hydrog ? ? A DA 5  N6 ? ? ? 1_555 A DT 6  O4 ? ? A DA 5  A DT 6   8_555 ? ? ? ? ? ? WATSON-CRICK ?     ? ? 
hydrog13 hydrog ? ? A DT 6  N3 ? ? ? 1_555 A DA 5  N1 ? ? A DT 6  A DA 5   8_555 ? ? ? ? ? ? WATSON-CRICK ?     ? ? 
hydrog14 hydrog ? ? A DT 6  O4 ? ? ? 1_555 A DA 5  N6 ? ? A DT 6  A DA 5   8_555 ? ? ? ? ? ? WATSON-CRICK ?     ? ? 
hydrog15 hydrog ? ? A DC 7  N3 ? ? ? 1_555 A DG 4  N1 ? ? A DC 7  A DG 4   8_555 ? ? ? ? ? ? WATSON-CRICK ?     ? ? 
hydrog16 hydrog ? ? A DC 7  N4 ? ? ? 1_555 A DG 4  O6 ? ? A DC 7  A DG 4   8_555 ? ? ? ? ? ? WATSON-CRICK ?     ? ? 
hydrog17 hydrog ? ? A DC 7  O2 ? ? ? 1_555 A DG 4  N2 ? ? A DC 7  A DG 4   8_555 ? ? ? ? ? ? WATSON-CRICK ?     ? ? 
hydrog18 hydrog ? ? A DC 8  N3 ? ? ? 1_555 A DG 3  N1 ? ? A DC 8  A DG 3   8_555 ? ? ? ? ? ? WATSON-CRICK ?     ? ? 
hydrog19 hydrog ? ? A DC 8  N4 ? ? ? 1_555 A DG 3  O6 ? ? A DC 8  A DG 3   8_555 ? ? ? ? ? ? WATSON-CRICK ?     ? ? 
hydrog20 hydrog ? ? A DC 8  O2 ? ? ? 1_555 A DG 3  N2 ? ? A DC 8  A DG 3   8_555 ? ? ? ? ? ? WATSON-CRICK ?     ? ? 
hydrog21 hydrog ? ? A DG 9  N1 ? ? ? 1_555 A DC 2  N3 ? ? A DG 9  A DC 2   8_555 ? ? ? ? ? ? WATSON-CRICK ?     ? ? 
hydrog22 hydrog ? ? A DG 9  N2 ? ? ? 1_555 A DC 2  O2 ? ? A DG 9  A DC 2   8_555 ? ? ? ? ? ? WATSON-CRICK ?     ? ? 
hydrog23 hydrog ? ? A DG 9  O6 ? ? ? 1_555 A DC 2  N4 ? ? A DG 9  A DC 2   8_555 ? ? ? ? ? ? WATSON-CRICK ?     ? ? 
hydrog24 hydrog ? ? A DG 10 O6 ? ? ? 1_555 A DC 1  N4 ? ? A DG 10 A DC 1   8_555 ? ? ? ? ? ? 'DG-DC PAIR' ?     ? ? 
# 
loop_
_struct_conn_type.id 
_struct_conn_type.criteria 
_struct_conn_type.reference 
metalc ? ? 
hydrog ? ? 
# 
loop_
_struct_site.id 
_struct_site.pdbx_evidence_code 
_struct_site.pdbx_auth_asym_id 
_struct_site.pdbx_auth_comp_id 
_struct_site.pdbx_auth_seq_id 
_struct_site.pdbx_auth_ins_code 
_struct_site.pdbx_num_residues 
_struct_site.details 
AC1 Software A BA  101 ? 2  'BINDING SITE FOR RESIDUE BA A 101'  
AC2 Software A RKF 102 ? 10 'BINDING SITE FOR RESIDUE RKF A 102' 
# 
loop_
_struct_site_gen.id 
_struct_site_gen.site_id 
_struct_site_gen.pdbx_num_res 
_struct_site_gen.label_comp_id 
_struct_site_gen.label_asym_id 
_struct_site_gen.label_seq_id 
_struct_site_gen.pdbx_auth_ins_code 
_struct_site_gen.auth_comp_id 
_struct_site_gen.auth_asym_id 
_struct_site_gen.auth_seq_id 
_struct_site_gen.label_atom_id 
_struct_site_gen.label_alt_id 
_struct_site_gen.symmetry 
_struct_site_gen.details 
1  AC1 2  DG  A 3  ? DG  A 3   . ? 1_555 ? 
2  AC1 2  DG  A 4  ? DG  A 4   . ? 1_555 ? 
3  AC2 10 DC  A 1  ? DC  A 1   . ? 8_555 ? 
4  AC2 10 DC  A 2  ? DC  A 2   . ? 8_555 ? 
5  AC2 10 DG  A 3  ? DG  A 3   . ? 6_445 ? 
6  AC2 10 DG  A 3  ? DG  A 3   . ? 8_555 ? 
7  AC2 10 DG  A 4  ? DG  A 4   . ? 6_445 ? 
8  AC2 10 DC  A 7  ? DC  A 7   . ? 3_444 ? 
9  AC2 10 DC  A 8  ? DC  A 8   . ? 3_444 ? 
10 AC2 10 DG  A 9  ? DG  A 9   . ? 1_555 ? 
11 AC2 10 DG  A 10 ? DG  A 10  . ? 1_555 ? 
12 AC2 10 HOH D .  ? HOH A 215 . ? 4_545 ? 
# 
_atom_sites.entry_id                    4MS5 
_atom_sites.fract_transf_matrix[1][1]   -0.01266946 
_atom_sites.fract_transf_matrix[1][2]   0.00183669 
_atom_sites.fract_transf_matrix[1][3]   -0.01665171 
_atom_sites.fract_transf_matrix[2][1]   -0.00522350 
_atom_sites.fract_transf_matrix[2][2]   -0.02026969 
_atom_sites.fract_transf_matrix[2][3]   0.00173855 
_atom_sites.fract_transf_matrix[3][1]   -0.02190290 
_atom_sites.fract_transf_matrix[3][2]   0.00714130 
_atom_sites.fract_transf_matrix[3][3]   0.01745251 
_atom_sites.fract_transf_vector[1]      0.193095 
_atom_sites.fract_transf_vector[2]      -0.283836 
_atom_sites.fract_transf_vector[3]      0.114643 
# 
loop_
_atom_type.symbol 
BA 
C  
F  
N  
O  
P  
RU 
# 
loop_
_atom_site.group_PDB 
_atom_site.id 
_atom_site.type_symbol 
_atom_site.label_atom_id 
_atom_site.label_alt_id 
_atom_site.label_comp_id 
_atom_site.label_asym_id 
_atom_site.label_entity_id 
_atom_site.label_seq_id 
_atom_site.pdbx_PDB_ins_code 
_atom_site.Cartn_x 
_atom_site.Cartn_y 
_atom_site.Cartn_z 
_atom_site.occupancy 
_atom_site.B_iso_or_equiv 
_atom_site.pdbx_formal_charge 
_atom_site.auth_seq_id 
_atom_site.auth_comp_id 
_atom_site.auth_asym_id 
_atom_site.auth_atom_id 
_atom_site.pdbx_PDB_model_num 
ATOM   1   O  "O5'" . DC  A 1 1  ? -15.060 -8.744  13.175  0.70 52.72 ? 1   DC  A "O5'" 1 
ATOM   2   C  "C5'" . DC  A 1 1  ? -16.024 -7.763  12.731  0.70 53.10 ? 1   DC  A "C5'" 1 
ATOM   3   C  "C4'" . DC  A 1 1  ? -16.194 -7.848  11.229  0.70 52.18 ? 1   DC  A "C4'" 1 
ATOM   4   O  "O4'" . DC  A 1 1  ? -17.560 -7.855  10.752  0.70 49.48 ? 1   DC  A "O4'" 1 
ATOM   5   C  "C3'" . DC  A 1 1  ? -15.398 -6.897  10.336  0.70 53.25 ? 1   DC  A "C3'" 1 
ATOM   6   O  "O3'" . DC  A 1 1  ? -14.144 -7.484  9.972   0.70 52.47 ? 1   DC  A "O3'" 1 
ATOM   7   C  "C2'" . DC  A 1 1  ? -16.292 -6.690  9.128   0.70 51.25 ? 1   DC  A "C2'" 1 
ATOM   8   C  "C1'" . DC  A 1 1  ? -17.695 -7.039  9.599   0.70 48.67 ? 1   DC  A "C1'" 1 
ATOM   9   N  N1    . DC  A 1 1  ? -18.502 -5.867  9.962   0.70 47.82 ? 1   DC  A N1    1 
ATOM   10  C  C2    . DC  A 1 1  ? -19.580 -5.512  9.147   0.70 47.36 ? 1   DC  A C2    1 
ATOM   11  O  O2    . DC  A 1 1  ? -19.847 -6.218  8.165   0.70 42.75 ? 1   DC  A O2    1 
ATOM   12  N  N3    . DC  A 1 1  ? -20.324 -4.429  9.469   0.70 51.86 ? 1   DC  A N3    1 
ATOM   13  C  C4    . DC  A 1 1  ? -20.025 -3.713  10.558  0.70 53.35 ? 1   DC  A C4    1 
ATOM   14  N  N4    . DC  A 1 1  ? -20.789 -2.656  10.842  0.70 54.38 ? 1   DC  A N4    1 
ATOM   15  C  C5    . DC  A 1 1  ? -18.928 -4.049  11.402  0.70 50.24 ? 1   DC  A C5    1 
ATOM   16  C  C6    . DC  A 1 1  ? -18.196 -5.119  11.067  0.70 50.75 ? 1   DC  A C6    1 
ATOM   17  P  P     . DC  A 1 2  ? -14.102 -8.877  9.211   0.70 45.39 ? 2   DC  A P     1 
ATOM   18  O  OP1   . DC  A 1 2  ? -15.478 -9.449  9.185   0.70 46.23 ? 2   DC  A OP1   1 
ATOM   19  O  OP2   . DC  A 1 2  ? -12.977 -9.664  9.763   0.70 50.60 ? 2   DC  A OP2   1 
ATOM   20  O  "O5'" . DC  A 1 2  ? -13.733 -8.442  7.733   1.00 45.64 ? 2   DC  A "O5'" 1 
ATOM   21  C  "C5'" . DC  A 1 2  ? -12.384 -8.421  7.230   1.00 40.07 ? 2   DC  A "C5'" 1 
ATOM   22  C  "C4'" . DC  A 1 2  ? -12.416 -8.701  5.746   1.00 37.98 ? 2   DC  A "C4'" 1 
ATOM   23  O  "O4'" . DC  A 1 2  ? -13.635 -8.179  5.180   1.00 38.08 ? 2   DC  A "O4'" 1 
ATOM   24  C  "C3'" . DC  A 1 2  ? -11.287 -8.054  4.965   1.00 38.37 ? 2   DC  A "C3'" 1 
ATOM   25  O  "O3'" . DC  A 1 2  ? -10.309 -9.060  4.701   1.00 35.43 ? 2   DC  A "O3'" 1 
ATOM   26  C  "C2'" . DC  A 1 2  ? -11.936 -7.602  3.667   1.00 38.05 ? 2   DC  A "C2'" 1 
ATOM   27  C  "C1'" . DC  A 1 2  ? -13.419 -7.530  3.937   1.00 35.06 ? 2   DC  A "C1'" 1 
ATOM   28  N  N1    . DC  A 1 2  ? -13.915 -6.158  4.070   1.00 34.13 ? 2   DC  A N1    1 
ATOM   29  C  C2    . DC  A 1 2  ? -15.044 -5.739  3.354   1.00 32.09 ? 2   DC  A C2    1 
ATOM   30  O  O2    . DC  A 1 2  ? -15.594 -6.528  2.571   1.00 33.04 ? 2   DC  A O2    1 
ATOM   31  N  N3    . DC  A 1 2  ? -15.484 -4.474  3.508   1.00 31.12 ? 2   DC  A N3    1 
ATOM   32  C  C4    . DC  A 1 2  ? -14.890 -3.666  4.387   1.00 30.95 ? 2   DC  A C4    1 
ATOM   33  N  N4    . DC  A 1 2  ? -15.366 -2.433  4.522   1.00 32.00 ? 2   DC  A N4    1 
ATOM   34  C  C5    . DC  A 1 2  ? -13.762 -4.075  5.145   1.00 32.70 ? 2   DC  A C5    1 
ATOM   35  C  C6    . DC  A 1 2  ? -13.298 -5.310  4.944   1.00 34.38 ? 2   DC  A C6    1 
ATOM   36  P  P     . DG  A 1 3  ? -8.945  -8.666  4.015   1.00 35.75 ? 3   DG  A P     1 
ATOM   37  O  OP1   . DG  A 1 3  ? -7.981  -9.761  4.296   1.00 36.60 ? 3   DG  A OP1   1 
ATOM   38  O  OP2   . DG  A 1 3  ? -8.638  -7.256  4.373   1.00 32.02 ? 3   DG  A OP2   1 
ATOM   39  O  "O5'" . DG  A 1 3  ? -9.267  -8.715  2.462   1.00 31.02 ? 3   DG  A "O5'" 1 
ATOM   40  C  "C5'" . DG  A 1 3  ? -9.553  -9.955  1.846   1.00 32.50 ? 3   DG  A "C5'" 1 
ATOM   41  C  "C4'" . DG  A 1 3  ? -10.012 -9.697  0.434   1.00 33.71 ? 3   DG  A "C4'" 1 
ATOM   42  O  "O4'" . DG  A 1 3  ? -11.265 -8.982  0.421   1.00 35.76 ? 3   DG  A "O4'" 1 
ATOM   43  C  "C3'" . DG  A 1 3  ? -9.058  -8.847  -0.392  1.00 34.58 ? 3   DG  A "C3'" 1 
ATOM   44  O  "O3'" . DG  A 1 3  ? -8.174  -9.756  -1.041  1.00 33.72 ? 3   DG  A "O3'" 1 
ATOM   45  C  "C2'" . DG  A 1 3  ? -9.980  -8.161  -1.385  1.00 33.46 ? 3   DG  A "C2'" 1 
ATOM   46  C  "C1'" . DG  A 1 3  ? -11.260 -7.976  -0.593  1.00 32.63 ? 3   DG  A "C1'" 1 
ATOM   47  N  N9    . DG  A 1 3  ? -11.377 -6.693  0.083   1.00 30.87 ? 3   DG  A N9    1 
ATOM   48  C  C8    . DG  A 1 3  ? -10.453 -6.106  0.910   1.00 32.27 ? 3   DG  A C8    1 
ATOM   49  N  N7    . DG  A 1 3  ? -10.876 -4.991  1.441   1.00 31.99 ? 3   DG  A N7    1 
ATOM   50  C  C5    . DG  A 1 3  ? -12.169 -4.851  0.955   1.00 28.49 ? 3   DG  A C5    1 
ATOM   51  C  C6    . DG  A 1 3  ? -13.121 -3.829  1.169   1.00 29.16 ? 3   DG  A C6    1 
ATOM   52  O  O6    . DG  A 1 3  ? -13.012 -2.807  1.863   1.00 27.50 ? 3   DG  A O6    1 
ATOM   53  N  N1    . DG  A 1 3  ? -14.303 -4.080  0.481   1.00 29.99 ? 3   DG  A N1    1 
ATOM   54  C  C2    . DG  A 1 3  ? -14.538 -5.176  -0.314  1.00 29.43 ? 3   DG  A C2    1 
ATOM   55  N  N2    . DG  A 1 3  ? -15.737 -5.234  -0.915  1.00 29.87 ? 3   DG  A N2    1 
ATOM   56  N  N3    . DG  A 1 3  ? -13.652 -6.127  -0.533  1.00 29.80 ? 3   DG  A N3    1 
ATOM   57  C  C4    . DG  A 1 3  ? -12.502 -5.908  0.137   1.00 30.75 ? 3   DG  A C4    1 
ATOM   58  P  P     . DG  A 1 4  ? -6.712  -9.330  -1.332  1.00 35.90 ? 4   DG  A P     1 
ATOM   59  O  OP1   . DG  A 1 4  ? -6.061  -10.441 -2.055  1.00 33.65 ? 4   DG  A OP1   1 
ATOM   60  O  OP2   . DG  A 1 4  ? -6.134  -8.742  -0.104  1.00 33.99 ? 4   DG  A OP2   1 
ATOM   61  O  "O5'" . DG  A 1 4  ? -6.877  -8.121  -2.344  1.00 34.71 ? 4   DG  A "O5'" 1 
ATOM   62  C  "C5'" . DG  A 1 4  ? -7.162  -8.412  -3.705  1.00 35.61 ? 4   DG  A "C5'" 1 
ATOM   63  C  "C4'" . DG  A 1 4  ? -7.138  -7.130  -4.493  1.00 35.16 ? 4   DG  A "C4'" 1 
ATOM   64  O  "O4'" . DG  A 1 4  ? -7.938  -6.159  -3.788  1.00 34.80 ? 4   DG  A "O4'" 1 
ATOM   65  C  "C3'" . DG  A 1 4  ? -5.758  -6.500  -4.632  1.00 37.60 ? 4   DG  A "C3'" 1 
ATOM   66  O  "O3'" . DG  A 1 4  ? -5.732  -5.895  -5.940  1.00 41.95 ? 4   DG  A "O3'" 1 
ATOM   67  C  "C2'" . DG  A 1 4  ? -5.759  -5.490  -3.498  1.00 36.11 ? 4   DG  A "C2'" 1 
ATOM   68  C  "C1'" . DG  A 1 4  ? -7.185  -4.995  -3.586  1.00 33.18 ? 4   DG  A "C1'" 1 
ATOM   69  N  N9    . DG  A 1 4  ? -7.709  -4.326  -2.404  1.00 32.41 ? 4   DG  A N9    1 
ATOM   70  C  C8    . DG  A 1 4  ? -7.521  -4.695  -1.098  1.00 33.02 ? 4   DG  A C8    1 
ATOM   71  N  N7    . DG  A 1 4  ? -8.111  -3.898  -0.252  1.00 37.96 ? 4   DG  A N7    1 
ATOM   72  C  C5    . DG  A 1 4  ? -8.748  -2.963  -1.052  1.00 33.30 ? 4   DG  A C5    1 
ATOM   73  C  C6    . DG  A 1 4  ? -9.543  -1.858  -0.700  1.00 37.44 ? 4   DG  A C6    1 
ATOM   74  O  O6    . DG  A 1 4  ? -9.855  -1.464  0.430   1.00 42.79 ? 4   DG  A O6    1 
ATOM   75  N  N1    . DG  A 1 4  ? -9.999  -1.180  -1.821  1.00 37.80 ? 4   DG  A N1    1 
ATOM   76  C  C2    . DG  A 1 4  ? -9.710  -1.514  -3.115  1.00 32.34 ? 4   DG  A C2    1 
ATOM   77  N  N2    . DG  A 1 4  ? -10.234 -0.729  -4.058  1.00 32.18 ? 4   DG  A N2    1 
ATOM   78  N  N3    . DG  A 1 4  ? -8.955  -2.537  -3.456  1.00 34.39 ? 4   DG  A N3    1 
ATOM   79  C  C4    . DG  A 1 4  ? -8.512  -3.215  -2.381  1.00 31.46 ? 4   DG  A C4    1 
ATOM   80  P  P     . DA  A 1 5  ? -4.348  -5.503  -6.659  1.00 47.16 ? 5   DA  A P     1 
ATOM   81  O  OP1   . DA  A 1 5  ? -4.104  -6.468  -7.774  1.00 44.90 ? 5   DA  A OP1   1 
ATOM   82  O  OP2   . DA  A 1 5  ? -3.325  -5.243  -5.606  1.00 43.66 ? 5   DA  A OP2   1 
ATOM   83  O  "O5'" . DA  A 1 5  ? -4.609  -4.036  -7.209  1.00 37.90 ? 5   DA  A "O5'" 1 
ATOM   84  C  "C5'" . DA  A 1 5  ? -5.627  -3.773  -8.155  1.00 40.44 ? 5   DA  A "C5'" 1 
ATOM   85  C  "C4'" . DA  A 1 5  ? -5.742  -2.278  -8.277  1.00 40.14 ? 5   DA  A "C4'" 1 
ATOM   86  O  "O4'" . DA  A 1 5  ? -6.420  -1.770  -7.112  1.00 37.33 ? 5   DA  A "O4'" 1 
ATOM   87  C  "C3'" . DA  A 1 5  ? -4.384  -1.582  -8.322  1.00 43.36 ? 5   DA  A "C3'" 1 
ATOM   88  O  "O3'" . DA  A 1 5  ? -4.397  -0.621  -9.364  1.00 57.53 ? 5   DA  A "O3'" 1 
ATOM   89  C  "C2'" . DA  A 1 5  ? -4.278  -0.860  -6.995  1.00 40.69 ? 5   DA  A "C2'" 1 
ATOM   90  C  "C1'" . DA  A 1 5  ? -5.716  -0.672  -6.567  1.00 36.52 ? 5   DA  A "C1'" 1 
ATOM   91  N  N9    . DA  A 1 5  ? -5.869  -0.736  -5.118  1.00 32.22 ? 5   DA  A N9    1 
ATOM   92  C  C8    . DA  A 1 5  ? -5.423  -1.740  -4.293  1.00 30.48 ? 5   DA  A C8    1 
ATOM   93  N  N7    . DA  A 1 5  ? -5.713  -1.551  -3.030  1.00 29.98 ? 5   DA  A N7    1 
ATOM   94  C  C5    . DA  A 1 5  ? -6.416  -0.355  -3.026  1.00 27.37 ? 5   DA  A C5    1 
ATOM   95  C  C6    . DA  A 1 5  ? -6.990  0.392   -1.995  1.00 28.16 ? 5   DA  A C6    1 
ATOM   96  N  N6    . DA  A 1 5  ? -6.953  0.021   -0.714  1.00 28.21 ? 5   DA  A N6    1 
ATOM   97  N  N1    . DA  A 1 5  ? -7.608  1.552   -2.322  1.00 27.91 ? 5   DA  A N1    1 
ATOM   98  C  C2    . DA  A 1 5  ? -7.649  1.912   -3.610  1.00 27.84 ? 5   DA  A C2    1 
ATOM   99  N  N3    . DA  A 1 5  ? -7.139  1.293   -4.670  1.00 29.94 ? 5   DA  A N3    1 
ATOM   100 C  C4    . DA  A 1 5  ? -6.515  0.160   -4.304  1.00 28.50 ? 5   DA  A C4    1 
ATOM   101 P  P     . DT  A 1 6  ? -3.045  0.040   -9.832  1.00 63.23 ? 6   DT  A P     1 
ATOM   102 O  OP1   . DT  A 1 6  ? -3.177  0.328   -11.282 1.00 64.67 ? 6   DT  A OP1   1 
ATOM   103 O  OP2   . DT  A 1 6  ? -1.931  -0.802  -9.309  1.00 57.07 ? 6   DT  A OP2   1 
ATOM   104 O  "O5'" . DT  A 1 6  ? -3.066  1.446   -9.094  1.00 52.76 ? 6   DT  A "O5'" 1 
ATOM   105 C  "C5'" . DT  A 1 6  ? -4.067  2.415   -9.417  1.00 50.91 ? 6   DT  A "C5'" 1 
ATOM   106 C  "C4'" . DT  A 1 6  ? -4.058  3.498   -8.363  1.00 52.48 ? 6   DT  A "C4'" 1 
ATOM   107 O  "O4'" . DT  A 1 6  ? -4.561  2.985   -7.120  1.00 49.59 ? 6   DT  A "O4'" 1 
ATOM   108 C  "C3'" . DT  A 1 6  ? -2.675  4.030   -8.009  1.00 54.96 ? 6   DT  A "C3'" 1 
ATOM   109 O  "O3'" . DT  A 1 6  ? -2.305  5.030   -8.971  1.00 62.13 ? 6   DT  A "O3'" 1 
ATOM   110 C  "C2'" . DT  A 1 6  ? -2.854  4.541   -6.587  1.00 50.68 ? 6   DT  A "C2'" 1 
ATOM   111 C  "C1'" . DT  A 1 6  ? -4.101  3.825   -6.070  1.00 46.31 ? 6   DT  A "C1'" 1 
ATOM   112 N  N1    . DT  A 1 6  ? -3.875  2.982   -4.887  1.00 38.35 ? 6   DT  A N1    1 
ATOM   113 C  C2    . DT  A 1 6  ? -4.304  3.447   -3.671  1.00 35.98 ? 6   DT  A C2    1 
ATOM   114 O  O2    . DT  A 1 6  ? -4.838  4.531   -3.526  1.00 34.05 ? 6   DT  A O2    1 
ATOM   115 N  N3    . DT  A 1 6  ? -4.054  2.606   -2.617  1.00 36.68 ? 6   DT  A N3    1 
ATOM   116 C  C4    . DT  A 1 6  ? -3.442  1.364   -2.664  1.00 37.96 ? 6   DT  A C4    1 
ATOM   117 O  O4    . DT  A 1 6  ? -3.283  0.715   -1.632  1.00 36.94 ? 6   DT  A O4    1 
ATOM   118 C  C5    . DT  A 1 6  ? -3.016  0.939   -3.974  1.00 38.08 ? 6   DT  A C5    1 
ATOM   119 C  C7    . DT  A 1 6  ? -2.328  -0.384  -4.117  1.00 38.40 ? 6   DT  A C7    1 
ATOM   120 C  C6    . DT  A 1 6  ? -3.251  1.757   -5.008  1.00 39.03 ? 6   DT  A C6    1 
ATOM   121 P  P     . DC  A 1 7  ? -0.766  5.401   -9.200  1.00 57.60 ? 7   DC  A P     1 
ATOM   122 O  OP1   . DC  A 1 7  ? -0.708  6.433   -10.257 1.00 61.83 ? 7   DC  A OP1   1 
ATOM   123 O  OP2   . DC  A 1 7  ? 0.027   4.142   -9.325  1.00 44.40 ? 7   DC  A OP2   1 
ATOM   124 O  "O5'" . DC  A 1 7  ? -0.443  6.186   -7.866  1.00 45.70 ? 7   DC  A "O5'" 1 
ATOM   125 C  "C5'" . DC  A 1 7  ? -1.133  7.395   -7.590  1.00 41.40 ? 7   DC  A "C5'" 1 
ATOM   126 C  "C4'" . DC  A 1 7  ? -0.708  7.816   -6.210  1.00 41.66 ? 7   DC  A "C4'" 1 
ATOM   127 O  "O4'" . DC  A 1 7  ? -1.351  6.963   -5.251  1.00 43.88 ? 7   DC  A "O4'" 1 
ATOM   128 C  "C3'" . DC  A 1 7  ? 0.775   7.630   -5.929  1.00 38.74 ? 7   DC  A "C3'" 1 
ATOM   129 O  "O3'" . DC  A 1 7  ? 1.466   8.781   -6.404  1.00 37.35 ? 7   DC  A "O3'" 1 
ATOM   130 C  "C2'" . DC  A 1 7  ? 0.805   7.531   -4.414  1.00 40.44 ? 7   DC  A "C2'" 1 
ATOM   131 C  "C1'" . DC  A 1 7  ? -0.591  7.009   -4.051  1.00 43.36 ? 7   DC  A "C1'" 1 
ATOM   132 N  N1    . DC  A 1 7  ? -0.559  5.655   -3.492  1.00 42.32 ? 7   DC  A N1    1 
ATOM   133 C  C2    . DC  A 1 7  ? -1.011  5.448   -2.192  1.00 41.42 ? 7   DC  A C2    1 
ATOM   134 O  O2    . DC  A 1 7  ? -1.479  6.406   -1.559  1.00 43.87 ? 7   DC  A O2    1 
ATOM   135 N  N3    . DC  A 1 7  ? -0.937  4.209   -1.661  1.00 39.55 ? 7   DC  A N3    1 
ATOM   136 C  C4    . DC  A 1 7  ? -0.428  3.207   -2.375  1.00 34.81 ? 7   DC  A C4    1 
ATOM   137 N  N4    . DC  A 1 7  ? -0.381  2.001   -1.813  1.00 37.48 ? 7   DC  A N4    1 
ATOM   138 C  C5    . DC  A 1 7  ? 0.044   3.392   -3.700  1.00 36.80 ? 7   DC  A C5    1 
ATOM   139 C  C6    . DC  A 1 7  ? -0.032  4.622   -4.212  1.00 39.54 ? 7   DC  A C6    1 
ATOM   140 P  P     . DC  A 1 8  ? 2.945   8.686   -6.919  1.00 33.98 ? 8   DC  A P     1 
ATOM   141 O  OP1   . DC  A 1 8  ? 3.282   9.980   -7.522  1.00 37.50 ? 8   DC  A OP1   1 
ATOM   142 O  OP2   . DC  A 1 8  ? 3.130   7.424   -7.660  1.00 32.94 ? 8   DC  A OP2   1 
ATOM   143 O  "O5'" . DC  A 1 8  ? 3.790   8.572   -5.588  1.00 32.20 ? 8   DC  A "O5'" 1 
ATOM   144 C  "C5'" . DC  A 1 8  ? 4.036   9.716   -4.780  1.00 29.54 ? 8   DC  A "C5'" 1 
ATOM   145 C  "C4'" . DC  A 1 8  ? 4.904   9.297   -3.621  1.00 29.42 ? 8   DC  A "C4'" 1 
ATOM   146 O  "O4'" . DC  A 1 8  ? 4.245   8.300   -2.819  1.00 29.19 ? 8   DC  A "O4'" 1 
ATOM   147 C  "C3'" . DC  A 1 8  ? 6.212   8.630   -3.996  1.00 29.27 ? 8   DC  A "C3'" 1 
ATOM   148 O  "O3'" . DC  A 1 8  ? 7.129   9.654   -4.344  1.00 30.90 ? 8   DC  A "O3'" 1 
ATOM   149 C  "C2'" . DC  A 1 8  ? 6.580   7.920   -2.705  1.00 28.42 ? 8   DC  A "C2'" 1 
ATOM   150 C  "C1'" . DC  A 1 8  ? 5.232   7.590   -2.066  1.00 27.47 ? 8   DC  A "C1'" 1 
ATOM   151 N  N1    . DC  A 1 8  ? 4.812   6.185   -2.048  1.00 27.80 ? 8   DC  A N1    1 
ATOM   152 C  C2    . DC  A 1 8  ? 4.595   5.538   -0.825  1.00 27.64 ? 8   DC  A C2    1 
ATOM   153 O  O2    . DC  A 1 8  ? 4.904   6.117   0.228   1.00 32.69 ? 8   DC  A O2    1 
ATOM   154 N  N3    . DC  A 1 8  ? 4.092   4.285   -0.824  1.00 25.79 ? 8   DC  A N3    1 
ATOM   155 C  C4    . DC  A 1 8  ? 3.749   3.704   -1.974  1.00 24.78 ? 8   DC  A C4    1 
ATOM   156 N  N4    . DC  A 1 8  ? 3.265   2.466   -1.928  1.00 27.60 ? 8   DC  A N4    1 
ATOM   157 C  C5    . DC  A 1 8  ? 3.914   4.357   -3.228  1.00 26.57 ? 8   DC  A C5    1 
ATOM   158 C  C6    . DC  A 1 8  ? 4.420   5.596   -3.217  1.00 27.84 ? 8   DC  A C6    1 
ATOM   159 P  P     . DG  A 1 9  ? 8.529   9.280   -4.919  1.00 31.78 ? 9   DG  A P     1 
ATOM   160 O  OP1   . DG  A 1 9  ? 9.181   10.525  -5.345  1.00 30.72 ? 9   DG  A OP1   1 
ATOM   161 O  OP2   . DG  A 1 9  ? 8.347   8.125   -5.835  1.00 30.55 ? 9   DG  A OP2   1 
ATOM   162 O  "O5'" . DG  A 1 9  ? 9.332   8.787   -3.648  1.00 33.09 ? 9   DG  A "O5'" 1 
ATOM   163 C  "C5'" . DG  A 1 9  ? 10.058  9.673   -2.790  1.00 35.65 ? 9   DG  A "C5'" 1 
ATOM   164 C  "C4'" . DG  A 1 9  ? 10.617  8.835   -1.669  1.00 37.49 ? 9   DG  A "C4'" 1 
ATOM   165 O  "O4'" . DG  A 1 9  ? 9.548   7.973   -1.251  1.00 37.75 ? 9   DG  A "O4'" 1 
ATOM   166 C  "C3'" . DG  A 1 9  ? 11.720  7.889   -2.123  1.00 42.69 ? 9   DG  A "C3'" 1 
ATOM   167 O  "O3'" . DG  A 1 9  ? 13.006  8.415   -1.825  1.00 51.97 ? 9   DG  A "O3'" 1 
ATOM   168 C  "C2'" . DG  A 1 9  ? 11.511  6.657   -1.268  1.00 43.64 ? 9   DG  A "C2'" 1 
ATOM   169 C  "C1'" . DG  A 1 9  ? 10.041  6.683   -0.902  1.00 39.68 ? 9   DG  A "C1'" 1 
ATOM   170 N  N9    . DG  A 1 9  ? 9.214   5.662   -1.557  1.00 35.60 ? 9   DG  A N9    1 
ATOM   171 C  C8    . DG  A 1 9  ? 9.022   5.478   -2.905  1.00 32.24 ? 9   DG  A C8    1 
ATOM   172 N  N7    . DG  A 1 9  ? 8.218   4.486   -3.177  1.00 31.35 ? 9   DG  A N7    1 
ATOM   173 C  C5    . DG  A 1 9  ? 7.890   3.956   -1.935  1.00 32.40 ? 9   DG  A C5    1 
ATOM   174 C  C6    . DG  A 1 9  ? 7.093   2.831   -1.593  1.00 32.92 ? 9   DG  A C6    1 
ATOM   175 O  O6    . DG  A 1 9  ? 6.483   2.059   -2.344  1.00 35.37 ? 9   DG  A O6    1 
ATOM   176 N  N1    . DG  A 1 9  ? 7.018   2.656   -0.216  1.00 30.38 ? 9   DG  A N1    1 
ATOM   177 C  C2    . DG  A 1 9  ? 7.657   3.436   0.713   1.00 32.71 ? 9   DG  A C2    1 
ATOM   178 N  N2    . DG  A 1 9  ? 7.470   3.102   1.997   1.00 36.86 ? 9   DG  A N2    1 
ATOM   179 N  N3    . DG  A 1 9  ? 8.404   4.484   0.410   1.00 32.18 ? 9   DG  A N3    1 
ATOM   180 C  C4    . DG  A 1 9  ? 8.487   4.678   -0.924  1.00 34.20 ? 9   DG  A C4    1 
ATOM   181 P  P     . DG  A 1 10 ? 14.312  7.649   -2.321  1.00 62.16 ? 10  DG  A P     1 
ATOM   182 O  OP1   . DG  A 1 10 ? 15.472  8.542   -2.070  1.00 67.98 ? 10  DG  A OP1   1 
ATOM   183 O  OP2   . DG  A 1 10 ? 14.062  7.140   -3.708  1.00 53.51 ? 10  DG  A OP2   1 
ATOM   184 O  "O5'" . DG  A 1 10 ? 14.430  6.462   -1.260  1.00 62.64 ? 10  DG  A "O5'" 1 
ATOM   185 C  "C5'" . DG  A 1 10 ? 15.036  5.207   -1.598  1.00 59.72 ? 10  DG  A "C5'" 1 
ATOM   186 C  "C4'" . DG  A 1 10 ? 15.677  4.626   -0.363  1.00 57.13 ? 10  DG  A "C4'" 1 
ATOM   187 O  "O4'" . DG  A 1 10 ? 14.694  3.868   0.379   1.00 65.98 ? 10  DG  A "O4'" 1 
ATOM   188 C  "C3'" . DG  A 1 10 ? 16.815  3.659   -0.645  1.00 57.26 ? 10  DG  A "C3'" 1 
ATOM   189 O  "O3'" . DG  A 1 10 ? 18.038  4.398   -0.680  1.00 59.80 ? 10  DG  A "O3'" 1 
ATOM   190 C  "C2'" . DG  A 1 10 ? 16.718  2.664   0.502   1.00 59.04 ? 10  DG  A "C2'" 1 
ATOM   191 C  "C1'" . DG  A 1 10 ? 15.231  2.623   0.833   1.00 58.25 ? 10  DG  A "C1'" 1 
ATOM   192 N  N9    . DG  A 1 10 ? 14.466  1.542   0.202   1.00 48.32 ? 10  DG  A N9    1 
ATOM   193 C  C8    . DG  A 1 10 ? 13.756  0.541   0.825   1.00 44.34 ? 10  DG  A C8    1 
ATOM   194 N  N7    . DG  A 1 10 ? 13.159  -0.263  -0.014  1.00 39.29 ? 10  DG  A N7    1 
ATOM   195 C  C5    . DG  A 1 10 ? 13.480  0.248   -1.265  1.00 40.78 ? 10  DG  A C5    1 
ATOM   196 C  C6    . DG  A 1 10 ? 13.122  -0.202  -2.563  1.00 41.72 ? 10  DG  A C6    1 
ATOM   197 O  O6    . DG  A 1 10 ? 12.421  -1.172  -2.878  1.00 43.28 ? 10  DG  A O6    1 
ATOM   198 N  N1    . DG  A 1 10 ? 13.665  0.611   -3.553  1.00 41.05 ? 10  DG  A N1    1 
ATOM   199 C  C2    . DG  A 1 10 ? 14.447  1.719   -3.325  1.00 45.51 ? 10  DG  A C2    1 
ATOM   200 N  N2    . DG  A 1 10 ? 14.875  2.381   -4.410  1.00 50.43 ? 10  DG  A N2    1 
ATOM   201 N  N3    . DG  A 1 10 ? 14.784  2.148   -2.125  1.00 45.69 ? 10  DG  A N3    1 
ATOM   202 C  C4    . DG  A 1 10 ? 14.280  1.366   -1.148  1.00 43.31 ? 10  DG  A C4    1 
HETATM 203 BA BA    . BA  B 2 .  ? -8.729  -3.202  2.679   1.00 36.86 ? 101 BA  A BA    1 
HETATM 204 F  F2    . RKF C 3 .  ? 11.276  3.226   -5.464  1.00 41.18 ? 102 RKF A F2    1 
HETATM 205 C  C17   . RKF C 3 .  ? 10.870  2.616   -4.345  1.00 37.63 ? 102 RKF A C17   1 
HETATM 206 C  C18   . RKF C 3 .  ? 10.025  1.573   -4.540  1.00 36.83 ? 102 RKF A C18   1 
HETATM 207 F  F1    . RKF C 3 .  ? 9.694   1.319   -5.816  1.00 38.83 ? 102 RKF A F1    1 
HETATM 208 C  C14   . RKF C 3 .  ? 9.552   0.847   -3.449  1.00 34.47 ? 102 RKF A C14   1 
HETATM 209 C  C13   . RKF C 3 .  ? 9.949   1.206   -2.153  1.00 31.63 ? 102 RKF A C13   1 
HETATM 210 N  N4    . RKF C 3 .  ? 9.468   0.518   -1.095  1.00 28.90 ? 102 RKF A N4    1 
HETATM 211 C  C7    . RKF C 3 .  ? 9.851   0.828   0.162   1.00 29.12 ? 102 RKF A C7    1 
HETATM 212 C  C8    . RKF C 3 .  ? 9.359   0.071   1.231   1.00 28.02 ? 102 RKF A C8    1 
HETATM 213 C  C9    . RKF C 3 .  ? 8.513   -1.022  1.057   1.00 27.98 ? 102 RKF A C9    1 
HETATM 214 C  C11   . RKF C 3 .  ? 8.096   -1.716  2.183   1.00 27.13 ? 102 RKF A C11   1 
HETATM 215 C  C12   . RKF C 3 .  ? 8.527   -1.327  3.462   1.00 30.63 ? 102 RKF A C12   1 
HETATM 216 C  C10   . RKF C 3 .  ? 9.742   0.386   2.532   1.00 28.92 ? 102 RKF A C10   1 
HETATM 217 N  N1    . RKF C 3 .  ? 9.302   -0.252  3.640   1.00 27.44 ? 102 RKF A N1    1 
HETATM 218 C  C16   . RKF C 3 .  ? 11.279  2.990   -3.058  1.00 36.21 ? 102 RKF A C16   1 
HETATM 219 C  C15   . RKF C 3 .  ? 10.814  2.275   -1.946  1.00 31.88 ? 102 RKF A C15   1 
HETATM 220 N  N3    . RKF C 3 .  ? 11.185  2.620   -0.684  1.00 30.25 ? 102 RKF A N3    1 
HETATM 221 C  C6    . RKF C 3 .  ? 10.726  1.901   0.379   1.00 29.30 ? 102 RKF A C6    1 
HETATM 222 C  C5    . RKF C 3 .  ? 11.098  2.214   1.685   1.00 28.00 ? 102 RKF A C5    1 
HETATM 223 C  C1    . RKF C 3 .  ? 10.590  1.444   2.733   1.00 29.25 ? 102 RKF A C1    1 
HETATM 224 C  C4    . RKF C 3 .  ? 11.950  3.264   1.994   1.00 26.74 ? 102 RKF A C4    1 
HETATM 225 C  C3    . RKF C 3 .  ? 12.264  3.501   3.320   1.00 26.35 ? 102 RKF A C3    1 
HETATM 226 C  C2    . RKF C 3 .  ? 11.731  2.675   4.304   1.00 31.02 ? 102 RKF A C2    1 
HETATM 227 N  N2    . RKF C 3 .  ? 10.909  1.628   4.007   1.00 28.64 ? 102 RKF A N2    1 
HETATM 228 RU RU    . RKF C 3 .  ? 10.186  0.343   5.084   1.00 31.76 ? 102 RKF A RU    1 
HETATM 229 N  N12   . RKF C 3 .  ? 11.117  0.923   6.492   1.00 26.65 ? 102 RKF A N12   1 
HETATM 230 C  C36   . RKF C 3 .  ? 12.292  0.288   6.529   1.00 28.21 ? 102 RKF A C36   1 
HETATM 231 C  C38   . RKF C 3 .  ? 10.923  1.847   7.419   1.00 31.91 ? 102 RKF A C38   1 
HETATM 232 N  N5    . RKF C 3 .  ? 8.781   1.422   5.526   1.00 29.94 ? 102 RKF A N5    1 
HETATM 233 C  C20   . RKF C 3 .  ? 8.452   2.669   5.169   1.00 36.31 ? 102 RKF A C20   1 
HETATM 234 C  C21   . RKF C 3 .  ? 7.269   3.271   5.655   1.00 33.02 ? 102 RKF A C21   1 
HETATM 235 N  N6    . RKF C 3 .  ? 6.426   2.646   6.492   1.00 30.99 ? 102 RKF A N6    1 
HETATM 236 C  C19   . RKF C 3 .  ? 7.936   0.832   6.372   1.00 31.27 ? 102 RKF A C19   1 
HETATM 237 C  C22   . RKF C 3 .  ? 6.764   1.404   6.880   1.00 31.16 ? 102 RKF A C22   1 
HETATM 238 C  C23   . RKF C 3 .  ? 5.976   0.670   7.759   1.00 29.62 ? 102 RKF A C23   1 
HETATM 239 C  C24   . RKF C 3 .  ? 6.346   -0.626  8.104   1.00 27.82 ? 102 RKF A C24   1 
HETATM 240 C  C25   . RKF C 3 .  ? 7.515   -1.164  7.602   1.00 28.81 ? 102 RKF A C25   1 
HETATM 241 N  N7    . RKF C 3 .  ? 7.917   -2.403  7.904   1.00 29.76 ? 102 RKF A N7    1 
HETATM 242 C  C27   . RKF C 3 .  ? 9.013   -2.917  7.357   1.00 25.74 ? 102 RKF A C27   1 
HETATM 243 C  C28   . RKF C 3 .  ? 9.776   -2.154  6.484   1.00 30.62 ? 102 RKF A C28   1 
HETATM 244 C  C26   . RKF C 3 .  ? 8.302   -0.444  6.720   1.00 31.49 ? 102 RKF A C26   1 
HETATM 245 N  N8    . RKF C 3 .  ? 9.433   -0.910  6.154   1.00 27.49 ? 102 RKF A N8    1 
HETATM 246 N  N9    . RKF C 3 .  ? 11.572  -0.738  4.683   1.00 26.55 ? 102 RKF A N9    1 
HETATM 247 C  C29   . RKF C 3 .  ? 12.532  -0.646  5.570   1.00 27.27 ? 102 RKF A C29   1 
HETATM 248 C  C30   . RKF C 3 .  ? 11.769  -1.643  3.730   1.00 29.83 ? 102 RKF A C30   1 
HETATM 249 C  C31   . RKF C 3 .  ? 12.947  -2.400  3.684   1.00 27.71 ? 102 RKF A C31   1 
HETATM 250 N  N10   . RKF C 3 .  ? 13.915  -2.262  4.595   1.00 28.08 ? 102 RKF A N10   1 
HETATM 251 C  C32   . RKF C 3 .  ? 13.698  -1.374  5.537   1.00 26.04 ? 102 RKF A C32   1 
HETATM 252 C  C33   . RKF C 3 .  ? 14.646  -1.188  6.472   1.00 26.41 ? 102 RKF A C33   1 
HETATM 253 C  C34   . RKF C 3 .  ? 14.417  -0.253  7.457   1.00 26.64 ? 102 RKF A C34   1 
HETATM 254 C  C35   . RKF C 3 .  ? 13.258  0.486   7.488   1.00 26.86 ? 102 RKF A C35   1 
HETATM 255 N  N11   . RKF C 3 .  ? 13.056  1.405   8.427   1.00 26.53 ? 102 RKF A N11   1 
HETATM 256 C  C37   . RKF C 3 .  ? 11.905  2.077   8.401   1.00 28.03 ? 102 RKF A C37   1 
HETATM 257 O  O     . HOH D 4 .  ? 1.660   -0.038  -3.863  1.00 28.42 ? 201 HOH A O     1 
HETATM 258 O  O     . HOH D 4 .  ? -13.522 -0.729  6.448   1.00 33.49 ? 202 HOH A O     1 
HETATM 259 O  O     . HOH D 4 .  ? 15.904  4.666   3.236   1.00 30.78 ? 203 HOH A O     1 
HETATM 260 O  O     . HOH D 4 .  ? 8.534   2.323   9.715   1.00 32.56 ? 204 HOH A O     1 
HETATM 261 O  O     . HOH D 4 .  ? 9.644   -0.481  9.906   1.00 32.39 ? 205 HOH A O     1 
HETATM 262 O  O     . HOH D 4 .  ? -10.884 -4.389  7.419   1.00 33.61 ? 206 HOH A O     1 
HETATM 263 O  O     . HOH D 4 .  ? 1.542   3.538   -7.080  1.00 37.78 ? 207 HOH A O     1 
HETATM 264 O  O     . HOH D 4 .  ? -17.503 1.140   7.055   1.00 38.95 ? 208 HOH A O     1 
HETATM 265 O  O     . HOH D 4 .  ? 5.982   -4.700  9.276   1.00 38.20 ? 209 HOH A O     1 
HETATM 266 O  O     . HOH D 4 .  ? 6.176   10.973  -8.455  1.00 33.44 ? 210 HOH A O     1 
HETATM 267 O  O     . HOH D 4 .  ? -17.545 -2.720  8.429   1.00 37.12 ? 211 HOH A O     1 
HETATM 268 O  O     . HOH D 4 .  ? 19.417  5.347   -2.554  1.00 39.72 ? 212 HOH A O     1 
HETATM 269 O  O     . HOH D 4 .  ? -11.584 -7.202  9.453   1.00 41.80 ? 213 HOH A O     1 
HETATM 270 O  O     . HOH D 4 .  ? -3.840  -7.017  3.579   1.00 29.64 ? 214 HOH A O     1 
HETATM 271 O  O     . HOH D 4 .  ? 18.490  4.849   2.086   1.00 36.22 ? 215 HOH A O     1 
# 
loop_
_pdbx_poly_seq_scheme.asym_id 
_pdbx_poly_seq_scheme.entity_id 
_pdbx_poly_seq_scheme.seq_id 
_pdbx_poly_seq_scheme.mon_id 
_pdbx_poly_seq_scheme.ndb_seq_num 
_pdbx_poly_seq_scheme.pdb_seq_num 
_pdbx_poly_seq_scheme.auth_seq_num 
_pdbx_poly_seq_scheme.pdb_mon_id 
_pdbx_poly_seq_scheme.auth_mon_id 
_pdbx_poly_seq_scheme.pdb_strand_id 
_pdbx_poly_seq_scheme.pdb_ins_code 
_pdbx_poly_seq_scheme.hetero 
A 1 1  DC 1  1  1  DC DC A . n 
A 1 2  DC 2  2  2  DC DC A . n 
A 1 3  DG 3  3  3  DG DG A . n 
A 1 4  DG 4  4  4  DG DG A . n 
A 1 5  DA 5  5  5  DA DA A . n 
A 1 6  DT 6  6  6  DT DT A . n 
A 1 7  DC 7  7  7  DC DC A . n 
A 1 8  DC 8  8  8  DC DC A . n 
A 1 9  DG 9  9  9  DG DG A . n 
A 1 10 DG 10 10 10 DG DG A . n 
# 
loop_
_pdbx_nonpoly_scheme.asym_id 
_pdbx_nonpoly_scheme.entity_id 
_pdbx_nonpoly_scheme.mon_id 
_pdbx_nonpoly_scheme.ndb_seq_num 
_pdbx_nonpoly_scheme.pdb_seq_num 
_pdbx_nonpoly_scheme.auth_seq_num 
_pdbx_nonpoly_scheme.pdb_mon_id 
_pdbx_nonpoly_scheme.auth_mon_id 
_pdbx_nonpoly_scheme.pdb_strand_id 
_pdbx_nonpoly_scheme.pdb_ins_code 
B 2 BA  1  101 102 BA  BA  A . 
C 3 RKF 1  102 11  RKF RKF A . 
D 4 HOH 1  201 1   HOH HOH A . 
D 4 HOH 2  202 3   HOH HOH A . 
D 4 HOH 3  203 4   HOH HOH A . 
D 4 HOH 4  204 5   HOH HOH A . 
D 4 HOH 5  205 6   HOH HOH A . 
D 4 HOH 6  206 7   HOH HOH A . 
D 4 HOH 7  207 11  HOH HOH A . 
D 4 HOH 8  208 13  HOH HOH A . 
D 4 HOH 9  209 14  HOH HOH A . 
D 4 HOH 10 210 15  HOH HOH A . 
D 4 HOH 11 211 16  HOH HOH A . 
D 4 HOH 12 212 17  HOH HOH A . 
D 4 HOH 13 213 19  HOH HOH A . 
D 4 HOH 14 214 20  HOH HOH A . 
D 4 HOH 15 215 21  HOH HOH A . 
# 
_pdbx_struct_assembly.id                   1 
_pdbx_struct_assembly.details              author_and_software_defined_assembly 
_pdbx_struct_assembly.method_details       PISA 
_pdbx_struct_assembly.oligomeric_details   dimeric 
_pdbx_struct_assembly.oligomeric_count     2 
# 
_pdbx_struct_assembly_gen.assembly_id       1 
_pdbx_struct_assembly_gen.oper_expression   1,2 
_pdbx_struct_assembly_gen.asym_id_list      A,B,C,D 
# 
loop_
_pdbx_struct_assembly_prop.biol_id 
_pdbx_struct_assembly_prop.type 
_pdbx_struct_assembly_prop.value 
_pdbx_struct_assembly_prop.details 
1 'ABSA (A^2)' 2020 ? 
1 MORE         -31  ? 
1 'SSA (A^2)'  4360 ? 
# 
loop_
_pdbx_struct_oper_list.id 
_pdbx_struct_oper_list.type 
_pdbx_struct_oper_list.name 
_pdbx_struct_oper_list.symmetry_operation 
_pdbx_struct_oper_list.matrix[1][1] 
_pdbx_struct_oper_list.matrix[1][2] 
_pdbx_struct_oper_list.matrix[1][3] 
_pdbx_struct_oper_list.vector[1] 
_pdbx_struct_oper_list.matrix[2][1] 
_pdbx_struct_oper_list.matrix[2][2] 
_pdbx_struct_oper_list.matrix[2][3] 
_pdbx_struct_oper_list.vector[2] 
_pdbx_struct_oper_list.matrix[3][1] 
_pdbx_struct_oper_list.matrix[3][2] 
_pdbx_struct_oper_list.matrix[3][3] 
_pdbx_struct_oper_list.vector[3] 
1 'identity operation'         1_555 x,y,z        1.0000000000  0.0000000000  0.0000000000 0.0000000000   0.0000000000  1.0000000000 0.0000000000  0.0000000000  0.0000000000 0.0000000000  1.0000000000  0.0000000000 
2 'crystal symmetry operation' 8_555 -y,-x,-z+1/2 -0.8743284763 -0.3731075993 0.3103875561 -10.7787141584 -0.3731075993 0.1077233448 -0.9215131037 -1.4769624554 0.3103875561 -0.9215131037 -0.2333948685 2.5887362445 
# 
loop_
_pdbx_audit_revision_history.ordinal 
_pdbx_audit_revision_history.data_content_type 
_pdbx_audit_revision_history.major_revision 
_pdbx_audit_revision_history.minor_revision 
_pdbx_audit_revision_history.revision_date 
1 'Structure model' 1 0 2014-10-08 
2 'Structure model' 1 1 2017-03-08 
3 'Structure model' 1 2 2023-09-20 
# 
_pdbx_audit_revision_details.ordinal             1 
_pdbx_audit_revision_details.revision_ordinal    1 
_pdbx_audit_revision_details.data_content_type   'Structure model' 
_pdbx_audit_revision_details.provider            repository 
_pdbx_audit_revision_details.type                'Initial release' 
_pdbx_audit_revision_details.description         ? 
_pdbx_audit_revision_details.details             ? 
# 
loop_
_pdbx_audit_revision_group.ordinal 
_pdbx_audit_revision_group.revision_ordinal 
_pdbx_audit_revision_group.data_content_type 
_pdbx_audit_revision_group.group 
1 2 'Structure model' 'Database references'    
2 3 'Structure model' 'Data collection'        
3 3 'Structure model' 'Database references'    
4 3 'Structure model' 'Derived calculations'   
5 3 'Structure model' 'Refinement description' 
# 
loop_
_pdbx_audit_revision_category.ordinal 
_pdbx_audit_revision_category.revision_ordinal 
_pdbx_audit_revision_category.data_content_type 
_pdbx_audit_revision_category.category 
1 3 'Structure model' chem_comp_atom                
2 3 'Structure model' chem_comp_bond                
3 3 'Structure model' database_2                    
4 3 'Structure model' pdbx_initial_refinement_model 
5 3 'Structure model' struct_site                   
# 
loop_
_pdbx_audit_revision_item.ordinal 
_pdbx_audit_revision_item.revision_ordinal 
_pdbx_audit_revision_item.data_content_type 
_pdbx_audit_revision_item.item 
1 3 'Structure model' '_database_2.pdbx_DOI'                
2 3 'Structure model' '_database_2.pdbx_database_accession' 
3 3 'Structure model' '_struct_site.pdbx_auth_asym_id'      
4 3 'Structure model' '_struct_site.pdbx_auth_comp_id'      
5 3 'Structure model' '_struct_site.pdbx_auth_seq_id'       
# 
loop_
_software.name 
_software.classification 
_software.version 
_software.citation_id 
_software.pdbx_ordinal 
GDA     'data collection' .        ? 1 
PHASER  phasing           .        ? 2 
REFMAC  refinement        5.7.0032 ? 3 
XDS     'data reduction'  .        ? 4 
Aimless 'data scaling'    .        ? 5 
# 
loop_
_chem_comp_atom.comp_id 
_chem_comp_atom.atom_id 
_chem_comp_atom.type_symbol 
_chem_comp_atom.pdbx_aromatic_flag 
_chem_comp_atom.pdbx_stereo_config 
_chem_comp_atom.pdbx_ordinal 
BA  BA     BA N N 1   
DA  OP3    O  N N 2   
DA  P      P  N N 3   
DA  OP1    O  N N 4   
DA  OP2    O  N N 5   
DA  "O5'"  O  N N 6   
DA  "C5'"  C  N N 7   
DA  "C4'"  C  N R 8   
DA  "O4'"  O  N N 9   
DA  "C3'"  C  N S 10  
DA  "O3'"  O  N N 11  
DA  "C2'"  C  N N 12  
DA  "C1'"  C  N R 13  
DA  N9     N  Y N 14  
DA  C8     C  Y N 15  
DA  N7     N  Y N 16  
DA  C5     C  Y N 17  
DA  C6     C  Y N 18  
DA  N6     N  N N 19  
DA  N1     N  Y N 20  
DA  C2     C  Y N 21  
DA  N3     N  Y N 22  
DA  C4     C  Y N 23  
DA  HOP3   H  N N 24  
DA  HOP2   H  N N 25  
DA  "H5'"  H  N N 26  
DA  "H5''" H  N N 27  
DA  "H4'"  H  N N 28  
DA  "H3'"  H  N N 29  
DA  "HO3'" H  N N 30  
DA  "H2'"  H  N N 31  
DA  "H2''" H  N N 32  
DA  "H1'"  H  N N 33  
DA  H8     H  N N 34  
DA  H61    H  N N 35  
DA  H62    H  N N 36  
DA  H2     H  N N 37  
DC  OP3    O  N N 38  
DC  P      P  N N 39  
DC  OP1    O  N N 40  
DC  OP2    O  N N 41  
DC  "O5'"  O  N N 42  
DC  "C5'"  C  N N 43  
DC  "C4'"  C  N R 44  
DC  "O4'"  O  N N 45  
DC  "C3'"  C  N S 46  
DC  "O3'"  O  N N 47  
DC  "C2'"  C  N N 48  
DC  "C1'"  C  N R 49  
DC  N1     N  N N 50  
DC  C2     C  N N 51  
DC  O2     O  N N 52  
DC  N3     N  N N 53  
DC  C4     C  N N 54  
DC  N4     N  N N 55  
DC  C5     C  N N 56  
DC  C6     C  N N 57  
DC  HOP3   H  N N 58  
DC  HOP2   H  N N 59  
DC  "H5'"  H  N N 60  
DC  "H5''" H  N N 61  
DC  "H4'"  H  N N 62  
DC  "H3'"  H  N N 63  
DC  "HO3'" H  N N 64  
DC  "H2'"  H  N N 65  
DC  "H2''" H  N N 66  
DC  "H1'"  H  N N 67  
DC  H41    H  N N 68  
DC  H42    H  N N 69  
DC  H5     H  N N 70  
DC  H6     H  N N 71  
DG  OP3    O  N N 72  
DG  P      P  N N 73  
DG  OP1    O  N N 74  
DG  OP2    O  N N 75  
DG  "O5'"  O  N N 76  
DG  "C5'"  C  N N 77  
DG  "C4'"  C  N R 78  
DG  "O4'"  O  N N 79  
DG  "C3'"  C  N S 80  
DG  "O3'"  O  N N 81  
DG  "C2'"  C  N N 82  
DG  "C1'"  C  N R 83  
DG  N9     N  Y N 84  
DG  C8     C  Y N 85  
DG  N7     N  Y N 86  
DG  C5     C  Y N 87  
DG  C6     C  N N 88  
DG  O6     O  N N 89  
DG  N1     N  N N 90  
DG  C2     C  N N 91  
DG  N2     N  N N 92  
DG  N3     N  N N 93  
DG  C4     C  Y N 94  
DG  HOP3   H  N N 95  
DG  HOP2   H  N N 96  
DG  "H5'"  H  N N 97  
DG  "H5''" H  N N 98  
DG  "H4'"  H  N N 99  
DG  "H3'"  H  N N 100 
DG  "HO3'" H  N N 101 
DG  "H2'"  H  N N 102 
DG  "H2''" H  N N 103 
DG  "H1'"  H  N N 104 
DG  H8     H  N N 105 
DG  H1     H  N N 106 
DG  H21    H  N N 107 
DG  H22    H  N N 108 
DT  OP3    O  N N 109 
DT  P      P  N N 110 
DT  OP1    O  N N 111 
DT  OP2    O  N N 112 
DT  "O5'"  O  N N 113 
DT  "C5'"  C  N N 114 
DT  "C4'"  C  N R 115 
DT  "O4'"  O  N N 116 
DT  "C3'"  C  N S 117 
DT  "O3'"  O  N N 118 
DT  "C2'"  C  N N 119 
DT  "C1'"  C  N R 120 
DT  N1     N  N N 121 
DT  C2     C  N N 122 
DT  O2     O  N N 123 
DT  N3     N  N N 124 
DT  C4     C  N N 125 
DT  O4     O  N N 126 
DT  C5     C  N N 127 
DT  C7     C  N N 128 
DT  C6     C  N N 129 
DT  HOP3   H  N N 130 
DT  HOP2   H  N N 131 
DT  "H5'"  H  N N 132 
DT  "H5''" H  N N 133 
DT  "H4'"  H  N N 134 
DT  "H3'"  H  N N 135 
DT  "HO3'" H  N N 136 
DT  "H2'"  H  N N 137 
DT  "H2''" H  N N 138 
DT  "H1'"  H  N N 139 
DT  H3     H  N N 140 
DT  H71    H  N N 141 
DT  H72    H  N N 142 
DT  H73    H  N N 143 
DT  H6     H  N N 144 
HOH O      O  N N 145 
HOH H1     H  N N 146 
HOH H2     H  N N 147 
RKF F2     F  N N 148 
RKF C17    C  Y N 149 
RKF C18    C  Y N 150 
RKF F1     F  N N 151 
RKF C14    C  Y N 152 
RKF C13    C  Y N 153 
RKF N4     N  Y N 154 
RKF C7     C  Y N 155 
RKF C8     C  Y N 156 
RKF C9     C  Y N 157 
RKF C11    C  Y N 158 
RKF C12    C  Y N 159 
RKF C10    C  Y N 160 
RKF N1     N  Y N 161 
RKF C16    C  Y N 162 
RKF C15    C  Y N 163 
RKF N3     N  Y N 164 
RKF C6     C  Y N 165 
RKF C5     C  Y N 166 
RKF C1     C  Y N 167 
RKF C4     C  Y N 168 
RKF C3     C  Y N 169 
RKF C2     C  Y N 170 
RKF N2     N  Y N 171 
RKF RU     RU N N 172 
RKF N12    N  Y N 173 
RKF C36    C  Y N 174 
RKF C38    C  Y N 175 
RKF N5     N  Y N 176 
RKF C20    C  Y N 177 
RKF C21    C  Y N 178 
RKF N6     N  Y N 179 
RKF C19    C  Y N 180 
RKF C22    C  Y N 181 
RKF C23    C  Y N 182 
RKF C24    C  Y N 183 
RKF C25    C  Y N 184 
RKF N7     N  Y N 185 
RKF C27    C  Y N 186 
RKF C28    C  Y N 187 
RKF C26    C  Y N 188 
RKF N8     N  Y N 189 
RKF N9     N  Y N 190 
RKF C29    C  Y N 191 
RKF C30    C  Y N 192 
RKF C31    C  Y N 193 
RKF N10    N  Y N 194 
RKF C32    C  Y N 195 
RKF C33    C  Y N 196 
RKF C34    C  Y N 197 
RKF C35    C  Y N 198 
RKF N11    N  Y N 199 
RKF C37    C  Y N 200 
RKF H1     H  N N 201 
RKF H2     H  N N 202 
RKF H3     H  N N 203 
RKF H4     H  N N 204 
RKF H5     H  N N 205 
RKF H6     H  N N 206 
RKF H7     H  N N 207 
RKF H8     H  N N 208 
RKF H9     H  N N 209 
RKF H10    H  N N 210 
RKF H11    H  N N 211 
RKF H12    H  N N 212 
RKF H13    H  N N 213 
RKF H14    H  N N 214 
RKF H15    H  N N 215 
RKF H16    H  N N 216 
RKF H17    H  N N 217 
RKF H18    H  N N 218 
RKF H19    H  N N 219 
RKF H20    H  N N 220 
# 
loop_
_chem_comp_bond.comp_id 
_chem_comp_bond.atom_id_1 
_chem_comp_bond.atom_id_2 
_chem_comp_bond.value_order 
_chem_comp_bond.pdbx_aromatic_flag 
_chem_comp_bond.pdbx_stereo_config 
_chem_comp_bond.pdbx_ordinal 
DA  OP3   P      sing N N 1   
DA  OP3   HOP3   sing N N 2   
DA  P     OP1    doub N N 3   
DA  P     OP2    sing N N 4   
DA  P     "O5'"  sing N N 5   
DA  OP2   HOP2   sing N N 6   
DA  "O5'" "C5'"  sing N N 7   
DA  "C5'" "C4'"  sing N N 8   
DA  "C5'" "H5'"  sing N N 9   
DA  "C5'" "H5''" sing N N 10  
DA  "C4'" "O4'"  sing N N 11  
DA  "C4'" "C3'"  sing N N 12  
DA  "C4'" "H4'"  sing N N 13  
DA  "O4'" "C1'"  sing N N 14  
DA  "C3'" "O3'"  sing N N 15  
DA  "C3'" "C2'"  sing N N 16  
DA  "C3'" "H3'"  sing N N 17  
DA  "O3'" "HO3'" sing N N 18  
DA  "C2'" "C1'"  sing N N 19  
DA  "C2'" "H2'"  sing N N 20  
DA  "C2'" "H2''" sing N N 21  
DA  "C1'" N9     sing N N 22  
DA  "C1'" "H1'"  sing N N 23  
DA  N9    C8     sing Y N 24  
DA  N9    C4     sing Y N 25  
DA  C8    N7     doub Y N 26  
DA  C8    H8     sing N N 27  
DA  N7    C5     sing Y N 28  
DA  C5    C6     sing Y N 29  
DA  C5    C4     doub Y N 30  
DA  C6    N6     sing N N 31  
DA  C6    N1     doub Y N 32  
DA  N6    H61    sing N N 33  
DA  N6    H62    sing N N 34  
DA  N1    C2     sing Y N 35  
DA  C2    N3     doub Y N 36  
DA  C2    H2     sing N N 37  
DA  N3    C4     sing Y N 38  
DC  OP3   P      sing N N 39  
DC  OP3   HOP3   sing N N 40  
DC  P     OP1    doub N N 41  
DC  P     OP2    sing N N 42  
DC  P     "O5'"  sing N N 43  
DC  OP2   HOP2   sing N N 44  
DC  "O5'" "C5'"  sing N N 45  
DC  "C5'" "C4'"  sing N N 46  
DC  "C5'" "H5'"  sing N N 47  
DC  "C5'" "H5''" sing N N 48  
DC  "C4'" "O4'"  sing N N 49  
DC  "C4'" "C3'"  sing N N 50  
DC  "C4'" "H4'"  sing N N 51  
DC  "O4'" "C1'"  sing N N 52  
DC  "C3'" "O3'"  sing N N 53  
DC  "C3'" "C2'"  sing N N 54  
DC  "C3'" "H3'"  sing N N 55  
DC  "O3'" "HO3'" sing N N 56  
DC  "C2'" "C1'"  sing N N 57  
DC  "C2'" "H2'"  sing N N 58  
DC  "C2'" "H2''" sing N N 59  
DC  "C1'" N1     sing N N 60  
DC  "C1'" "H1'"  sing N N 61  
DC  N1    C2     sing N N 62  
DC  N1    C6     sing N N 63  
DC  C2    O2     doub N N 64  
DC  C2    N3     sing N N 65  
DC  N3    C4     doub N N 66  
DC  C4    N4     sing N N 67  
DC  C4    C5     sing N N 68  
DC  N4    H41    sing N N 69  
DC  N4    H42    sing N N 70  
DC  C5    C6     doub N N 71  
DC  C5    H5     sing N N 72  
DC  C6    H6     sing N N 73  
DG  OP3   P      sing N N 74  
DG  OP3   HOP3   sing N N 75  
DG  P     OP1    doub N N 76  
DG  P     OP2    sing N N 77  
DG  P     "O5'"  sing N N 78  
DG  OP2   HOP2   sing N N 79  
DG  "O5'" "C5'"  sing N N 80  
DG  "C5'" "C4'"  sing N N 81  
DG  "C5'" "H5'"  sing N N 82  
DG  "C5'" "H5''" sing N N 83  
DG  "C4'" "O4'"  sing N N 84  
DG  "C4'" "C3'"  sing N N 85  
DG  "C4'" "H4'"  sing N N 86  
DG  "O4'" "C1'"  sing N N 87  
DG  "C3'" "O3'"  sing N N 88  
DG  "C3'" "C2'"  sing N N 89  
DG  "C3'" "H3'"  sing N N 90  
DG  "O3'" "HO3'" sing N N 91  
DG  "C2'" "C1'"  sing N N 92  
DG  "C2'" "H2'"  sing N N 93  
DG  "C2'" "H2''" sing N N 94  
DG  "C1'" N9     sing N N 95  
DG  "C1'" "H1'"  sing N N 96  
DG  N9    C8     sing Y N 97  
DG  N9    C4     sing Y N 98  
DG  C8    N7     doub Y N 99  
DG  C8    H8     sing N N 100 
DG  N7    C5     sing Y N 101 
DG  C5    C6     sing N N 102 
DG  C5    C4     doub Y N 103 
DG  C6    O6     doub N N 104 
DG  C6    N1     sing N N 105 
DG  N1    C2     sing N N 106 
DG  N1    H1     sing N N 107 
DG  C2    N2     sing N N 108 
DG  C2    N3     doub N N 109 
DG  N2    H21    sing N N 110 
DG  N2    H22    sing N N 111 
DG  N3    C4     sing N N 112 
DT  OP3   P      sing N N 113 
DT  OP3   HOP3   sing N N 114 
DT  P     OP1    doub N N 115 
DT  P     OP2    sing N N 116 
DT  P     "O5'"  sing N N 117 
DT  OP2   HOP2   sing N N 118 
DT  "O5'" "C5'"  sing N N 119 
DT  "C5'" "C4'"  sing N N 120 
DT  "C5'" "H5'"  sing N N 121 
DT  "C5'" "H5''" sing N N 122 
DT  "C4'" "O4'"  sing N N 123 
DT  "C4'" "C3'"  sing N N 124 
DT  "C4'" "H4'"  sing N N 125 
DT  "O4'" "C1'"  sing N N 126 
DT  "C3'" "O3'"  sing N N 127 
DT  "C3'" "C2'"  sing N N 128 
DT  "C3'" "H3'"  sing N N 129 
DT  "O3'" "HO3'" sing N N 130 
DT  "C2'" "C1'"  sing N N 131 
DT  "C2'" "H2'"  sing N N 132 
DT  "C2'" "H2''" sing N N 133 
DT  "C1'" N1     sing N N 134 
DT  "C1'" "H1'"  sing N N 135 
DT  N1    C2     sing N N 136 
DT  N1    C6     sing N N 137 
DT  C2    O2     doub N N 138 
DT  C2    N3     sing N N 139 
DT  N3    C4     sing N N 140 
DT  N3    H3     sing N N 141 
DT  C4    O4     doub N N 142 
DT  C4    C5     sing N N 143 
DT  C5    C7     sing N N 144 
DT  C5    C6     doub N N 145 
DT  C7    H71    sing N N 146 
DT  C7    H72    sing N N 147 
DT  C7    H73    sing N N 148 
DT  C6    H6     sing N N 149 
HOH O     H1     sing N N 150 
HOH O     H2     sing N N 151 
RKF F2    C17    sing N N 152 
RKF F1    C18    sing N N 153 
RKF C17   C18    doub Y N 154 
RKF C17   C16    sing Y N 155 
RKF C18   C14    sing Y N 156 
RKF C16   C15    doub Y N 157 
RKF C14   C13    doub Y N 158 
RKF C15   C13    sing Y N 159 
RKF C15   N3     sing Y N 160 
RKF C13   N4     sing Y N 161 
RKF N10   C31    doub Y N 162 
RKF N10   C32    sing Y N 163 
RKF N3    C6     doub Y N 164 
RKF C31   C30    sing Y N 165 
RKF N4    C7     doub Y N 166 
RKF C33   C32    doub Y N 167 
RKF C33   C34    sing Y N 168 
RKF C6    C7     sing Y N 169 
RKF C6    C5     sing Y N 170 
RKF C32   C29    sing Y N 171 
RKF C7    C8     sing Y N 172 
RKF C30   N9     doub Y N 173 
RKF C4    C5     doub Y N 174 
RKF C4    C3     sing Y N 175 
RKF C5    C1     sing Y N 176 
RKF C34   C35    doub Y N 177 
RKF C3    C2     doub Y N 178 
RKF C8    C9     doub Y N 179 
RKF C8    C10    sing Y N 180 
RKF C29   N9     sing Y N 181 
RKF C29   C36    doub Y N 182 
RKF N9    RU     sing N N 183 
RKF C9    C11    sing Y N 184 
RKF C1    C10    sing Y N 185 
RKF C1    N2     doub Y N 186 
RKF C10   N1     doub Y N 187 
RKF C2    N2     sing Y N 188 
RKF N2    RU     sing N N 189 
RKF C35   C36    sing Y N 190 
RKF C35   N11    sing Y N 191 
RKF C36   N12    sing Y N 192 
RKF C11   C12    doub Y N 193 
RKF N1    C12    sing Y N 194 
RKF N1    RU     sing N N 195 
RKF RU    N12    sing N N 196 
RKF RU    N8     sing N N 197 
RKF RU    N5     sing N N 198 
RKF N11   C37    doub Y N 199 
RKF N12   C38    doub Y N 200 
RKF C28   N8     doub Y N 201 
RKF C28   C27    sing Y N 202 
RKF N8    C26    sing Y N 203 
RKF C37   C38    sing Y N 204 
RKF C27   N7     doub Y N 205 
RKF N5    C20    doub Y N 206 
RKF N5    C19    sing Y N 207 
RKF C20   C21    sing Y N 208 
RKF C26   C19    doub Y N 209 
RKF C26   C25    sing Y N 210 
RKF C19   C22    sing Y N 211 
RKF N7    C25    sing Y N 212 
RKF C25   C24    doub Y N 213 
RKF C21   N6     doub Y N 214 
RKF C22   N6     sing Y N 215 
RKF C22   C23    doub Y N 216 
RKF C24   C23    sing Y N 217 
RKF C14   H1     sing N N 218 
RKF C9    H2     sing N N 219 
RKF C11   H3     sing N N 220 
RKF C12   H4     sing N N 221 
RKF C16   H5     sing N N 222 
RKF C4    H6     sing N N 223 
RKF C3    H7     sing N N 224 
RKF C2    H8     sing N N 225 
RKF C38   H9     sing N N 226 
RKF C20   H10    sing N N 227 
RKF C21   H11    sing N N 228 
RKF C23   H12    sing N N 229 
RKF C24   H13    sing N N 230 
RKF C27   H14    sing N N 231 
RKF C28   H15    sing N N 232 
RKF C30   H16    sing N N 233 
RKF C31   H17    sing N N 234 
RKF C33   H18    sing N N 235 
RKF C34   H19    sing N N 236 
RKF C37   H20    sing N N 237 
# 
loop_
_ndb_struct_conf_na.entry_id 
_ndb_struct_conf_na.feature 
4MS5 'double helix'        
4MS5 'b-form double helix' 
# 
loop_
_ndb_struct_na_base_pair.model_number 
_ndb_struct_na_base_pair.i_label_asym_id 
_ndb_struct_na_base_pair.i_label_comp_id 
_ndb_struct_na_base_pair.i_label_seq_id 
_ndb_struct_na_base_pair.i_symmetry 
_ndb_struct_na_base_pair.j_label_asym_id 
_ndb_struct_na_base_pair.j_label_comp_id 
_ndb_struct_na_base_pair.j_label_seq_id 
_ndb_struct_na_base_pair.j_symmetry 
_ndb_struct_na_base_pair.shear 
_ndb_struct_na_base_pair.stretch 
_ndb_struct_na_base_pair.stagger 
_ndb_struct_na_base_pair.buckle 
_ndb_struct_na_base_pair.propeller 
_ndb_struct_na_base_pair.opening 
_ndb_struct_na_base_pair.pair_number 
_ndb_struct_na_base_pair.pair_name 
_ndb_struct_na_base_pair.i_auth_asym_id 
_ndb_struct_na_base_pair.i_auth_seq_id 
_ndb_struct_na_base_pair.i_PDB_ins_code 
_ndb_struct_na_base_pair.j_auth_asym_id 
_ndb_struct_na_base_pair.j_auth_seq_id 
_ndb_struct_na_base_pair.j_PDB_ins_code 
_ndb_struct_na_base_pair.hbond_type_28 
_ndb_struct_na_base_pair.hbond_type_12 
1 A DC 1 1_555 A DG 10 8_555 1.021  1.416  -0.178 6.232   19.319 -72.975 1  A_DC1:DG10_A A 1 ? A 10 ? ?  ? 
1 A DC 1 1_555 A DG 10 1_555 1.021  1.416  -0.178 6.232   19.318 -72.975 2  A_DC1:DG10_A A 1 ? A 10 ? ?  ? 
1 A DC 2 1_555 A DG 9  8_555 -0.092 -0.086 0.255  -7.347  3.119  3.776   3  A_DC2:DG9_A  A 2 ? A 9  ? 19 1 
1 A DG 3 1_555 A DC 8  8_555 -0.044 0.050  0.143  22.541  -6.009 0.615   4  A_DG3:DC8_A  A 3 ? A 8  ? 19 1 
1 A DG 4 1_555 A DC 7  8_555 -0.214 -0.148 0.274  -4.529  2.374  -2.786  5  A_DG4:DC7_A  A 4 ? A 7  ? 19 1 
1 A DA 5 1_555 A DT 6  8_555 -0.401 -0.408 0.515  3.140   -4.623 5.233   6  A_DA5:DT6_A  A 5 ? A 6  ? 20 1 
1 A DT 6 1_555 A DA 5  8_555 0.401  -0.408 0.515  -3.140  -4.623 5.233   7  A_DT6:DA5_A  A 6 ? A 5  ? 20 1 
1 A DC 7 1_555 A DG 4  8_555 0.214  -0.148 0.274  4.529   2.374  -2.786  8  A_DC7:DG4_A  A 7 ? A 4  ? 19 1 
1 A DC 8 1_555 A DG 3  8_555 0.044  0.050  0.143  -22.541 -6.009 0.615   9  A_DC8:DG3_A  A 8 ? A 3  ? 19 1 
1 A DG 9 1_555 A DC 2  8_555 0.092  -0.086 0.255  7.347   3.119  3.776   10 A_DG9:DC2_A  A 9 ? A 2  ? 19 1 
# 
loop_
_ndb_struct_na_base_pair_step.model_number 
_ndb_struct_na_base_pair_step.i_label_asym_id_1 
_ndb_struct_na_base_pair_step.i_label_comp_id_1 
_ndb_struct_na_base_pair_step.i_label_seq_id_1 
_ndb_struct_na_base_pair_step.i_symmetry_1 
_ndb_struct_na_base_pair_step.j_label_asym_id_1 
_ndb_struct_na_base_pair_step.j_label_comp_id_1 
_ndb_struct_na_base_pair_step.j_label_seq_id_1 
_ndb_struct_na_base_pair_step.j_symmetry_1 
_ndb_struct_na_base_pair_step.i_label_asym_id_2 
_ndb_struct_na_base_pair_step.i_label_comp_id_2 
_ndb_struct_na_base_pair_step.i_label_seq_id_2 
_ndb_struct_na_base_pair_step.i_symmetry_2 
_ndb_struct_na_base_pair_step.j_label_asym_id_2 
_ndb_struct_na_base_pair_step.j_label_comp_id_2 
_ndb_struct_na_base_pair_step.j_label_seq_id_2 
_ndb_struct_na_base_pair_step.j_symmetry_2 
_ndb_struct_na_base_pair_step.shift 
_ndb_struct_na_base_pair_step.slide 
_ndb_struct_na_base_pair_step.rise 
_ndb_struct_na_base_pair_step.tilt 
_ndb_struct_na_base_pair_step.roll 
_ndb_struct_na_base_pair_step.twist 
_ndb_struct_na_base_pair_step.x_displacement 
_ndb_struct_na_base_pair_step.y_displacement 
_ndb_struct_na_base_pair_step.helical_rise 
_ndb_struct_na_base_pair_step.inclination 
_ndb_struct_na_base_pair_step.tip 
_ndb_struct_na_base_pair_step.helical_twist 
_ndb_struct_na_base_pair_step.step_number 
_ndb_struct_na_base_pair_step.step_name 
_ndb_struct_na_base_pair_step.i_auth_asym_id_1 
_ndb_struct_na_base_pair_step.i_auth_seq_id_1 
_ndb_struct_na_base_pair_step.i_PDB_ins_code_1 
_ndb_struct_na_base_pair_step.j_auth_asym_id_1 
_ndb_struct_na_base_pair_step.j_auth_seq_id_1 
_ndb_struct_na_base_pair_step.j_PDB_ins_code_1 
_ndb_struct_na_base_pair_step.i_auth_asym_id_2 
_ndb_struct_na_base_pair_step.i_auth_seq_id_2 
_ndb_struct_na_base_pair_step.i_PDB_ins_code_2 
_ndb_struct_na_base_pair_step.j_auth_asym_id_2 
_ndb_struct_na_base_pair_step.j_auth_seq_id_2 
_ndb_struct_na_base_pair_step.j_PDB_ins_code_2 
1 A DC 2 1_555 A DG 9 8_555 A DG 3 1_555 A DC 8 8_555 -0.315 1.671  2.799 3.058  4.785  23.589 2.616  1.621  3.009 11.492 -7.344  
24.254 1 AA_DC2DG3:DC8DG9_AA A 2 ? A 9 ? A 3 ? A 8 ? 
1 A DG 3 1_555 A DC 8 8_555 A DG 4 1_555 A DC 7 8_555 -0.007 0.601  5.153 -5.302 48.087 14.245 -5.552 -0.681 2.075 74.120 8.172   
50.310 2 AA_DG3DG4:DC7DC8_AA A 3 ? A 8 ? A 4 ? A 7 ? 
1 A DG 4 1_555 A DC 7 8_555 A DA 5 1_555 A DT 6 8_555 -0.732 -0.016 3.225 -7.543 10.184 31.362 -1.701 0.021  3.156 17.949 13.294  
33.766 3 AA_DG4DA5:DT6DC7_AA A 4 ? A 7 ? A 5 ? A 6 ? 
1 A DA 5 1_555 A DT 6 8_555 A DT 6 1_555 A DA 5 8_555 0.000  -0.394 3.579 0.000  3.796  34.850 -1.274 0.000  3.518 6.315  0.000   
35.050 4 AA_DA5DT6:DA5DT6_AA A 5 ? A 6 ? A 6 ? A 5 ? 
1 A DT 6 1_555 A DA 5 8_555 A DC 7 1_555 A DG 4 8_555 0.732  -0.016 3.225 7.543  10.184 31.362 -1.701 -0.021 3.156 17.949 -13.294 
33.766 5 AA_DT6DC7:DG4DA5_AA A 6 ? A 5 ? A 7 ? A 4 ? 
1 A DC 7 1_555 A DG 4 8_555 A DC 8 1_555 A DG 3 8_555 0.007  0.601  5.153 5.302  48.087 14.245 -5.552 0.681  2.075 74.120 -8.172  
50.310 6 AA_DC7DC8:DG3DG4_AA A 7 ? A 4 ? A 8 ? A 3 ? 
1 A DC 8 1_555 A DG 3 8_555 A DG 9 1_555 A DC 2 8_555 0.315  1.671  2.799 -3.058 4.785  23.589 2.616  -1.621 3.009 11.492 7.344   
24.254 7 AA_DC8DG9:DC2DG3_AA A 8 ? A 3 ? A 9 ? A 2 ? 
# 
loop_
_pdbx_entity_nonpoly.entity_id 
_pdbx_entity_nonpoly.name 
_pdbx_entity_nonpoly.comp_id 
2 'BARIUM ION' BA  
3 
"(11,12-difluorodipyrido[3,2-a:2',3'-c]phenazine-kappa~2~N~4~,N~5~)[bis(pyrazino[2,3-f]quinoxaline-kappa~2~N~1~,N~10~)]ruthenium(2+)" 
RKF 
4 water HOH 
# 
_pdbx_initial_refinement_model.id               1 
_pdbx_initial_refinement_model.entity_id_list   ? 
_pdbx_initial_refinement_model.type             'experimental model' 
_pdbx_initial_refinement_model.source_name      PDB 
_pdbx_initial_refinement_model.accession_code   3QRN 
_pdbx_initial_refinement_model.details          'PDB ENTRY 3QRN' 
# 
